data_6TFI
#
_entry.id   6TFI
#
_cell.length_a   85.356
_cell.length_b   88.964
_cell.length_c   105.658
_cell.angle_alpha   90.00
_cell.angle_beta   90.00
_cell.angle_gamma   90.00
#
_symmetry.space_group_name_H-M   'P 21 21 21'
#
loop_
_entity.id
_entity.type
_entity.pdbx_description
1 polymer 'Nuclear receptor subfamily 1 group I member 2,Nuclear receptor coactivator 1'
2 non-polymer GLYCEROL
3 non-polymer (4S)-2-METHYL-2,4-PENTANEDIOL
4 non-polymer 'PHOSPHATE ION'
5 non-polymer 'DIMETHYL SULFOXIDE'
6 non-polymer [2-[(3-chlorophenyl)methylamino]-7-methoxy-1,3-benzoxazol-5-yl]-(2,2-dimethylmorpholin-4-yl)methanone
7 water water
#
_entity_poly.entity_id   1
_entity_poly.type   'polypeptide(L)'
_entity_poly.pdbx_seq_one_letter_code
;MKKGHHHHHHGSERTGTQPLGVQGLTEEQRMMIRELMDAQMKTFDTTFSHFKNFRLPGVLSSGCELPESLQAPSREEAAK
WSQVRKDLCSLKVSLQLRGEDGSVWNYKPPADSGGKEIFSLLPHMADMSTYMFKGIISFAKVISYFRDLPIEDQISLLKG
AAFELCQLRFNTVFNAETGTWECGRLSYCLEDTAGGFQQLLLEPMLKFHYMLKKLQLHEEEYVLMQAISLFSPDRPGVLQ
HRVVDQLQEQFAITLKSYIECNRPQPAHRFLFLKIMAMLTELRSINAQHTQRLLRIQDIHPFATPLMQELFGITGSGGSG
GSSHSSLTERHKILHRLLQEGSPS
;
_entity_poly.pdbx_strand_id   A,B
#
loop_
_chem_comp.id
_chem_comp.type
_chem_comp.name
_chem_comp.formula
DMS non-polymer 'DIMETHYL SULFOXIDE' 'C2 H6 O S'
GOL non-polymer GLYCEROL 'C3 H8 O3'
MPD non-polymer (4S)-2-METHYL-2,4-PENTANEDIOL 'C6 H14 O2'
N6H non-polymer [2-[(3-chlorophenyl)methylamino]-7-methoxy-1,3-benzoxazol-5-yl]-(2,2-dimethylmorpholin-4-yl)methanone 'C22 H24 Cl N3 O4'
PO4 non-polymer 'PHOSPHATE ION' 'O4 P -3'
#
# COMPACT_ATOMS: atom_id res chain seq x y z
N GLY A 24 25.47 2.08 44.73
CA GLY A 24 26.85 2.62 44.66
C GLY A 24 26.95 3.89 43.85
N LEU A 25 25.82 4.48 43.45
CA LEU A 25 25.77 5.79 42.76
C LEU A 25 25.66 6.89 43.82
N THR A 26 26.31 8.03 43.57
CA THR A 26 26.16 9.24 44.40
C THR A 26 24.72 9.74 44.20
N GLU A 27 24.23 10.52 45.16
CA GLU A 27 22.90 11.17 45.06
C GLU A 27 22.83 11.95 43.74
N GLU A 28 23.92 12.66 43.40
CA GLU A 28 24.00 13.50 42.18
C GLU A 28 23.85 12.61 40.93
N GLN A 29 24.46 11.42 40.94
CA GLN A 29 24.43 10.46 39.81
C GLN A 29 22.99 9.94 39.65
N ARG A 30 22.35 9.57 40.77
CA ARG A 30 20.95 9.08 40.75
C ARG A 30 20.04 10.18 40.23
N MET A 31 20.24 11.42 40.66
CA MET A 31 19.39 12.56 40.22
CA MET A 31 19.44 12.61 40.23
C MET A 31 19.61 12.83 38.73
N MET A 32 20.85 12.70 38.25
CA MET A 32 21.21 12.86 36.82
C MET A 32 20.41 11.85 35.98
N ILE A 33 20.44 10.59 36.39
CA ILE A 33 19.73 9.50 35.68
C ILE A 33 18.22 9.75 35.76
N ARG A 34 17.71 10.16 36.92
N ARG A 34 17.71 10.16 36.92
CA ARG A 34 16.26 10.47 37.09
CA ARG A 34 16.27 10.46 37.10
C ARG A 34 15.85 11.55 36.09
C ARG A 34 15.85 11.55 36.10
N GLU A 35 16.62 12.63 35.98
CA GLU A 35 16.30 13.73 35.04
C GLU A 35 16.29 13.23 33.59
N LEU A 36 17.29 12.44 33.19
CA LEU A 36 17.38 11.91 31.81
C LEU A 36 16.19 10.98 31.53
N MET A 37 15.85 10.09 32.47
CA MET A 37 14.74 9.12 32.29
C MET A 37 13.41 9.88 32.22
N ASP A 38 13.23 10.91 33.04
CA ASP A 38 12.05 11.82 32.99
C ASP A 38 11.97 12.45 31.61
N ALA A 39 13.07 13.00 31.10
CA ALA A 39 13.12 13.64 29.77
C ALA A 39 12.72 12.62 28.69
N GLN A 40 13.27 11.41 28.75
CA GLN A 40 12.99 10.32 27.77
C GLN A 40 11.50 9.96 27.81
N MET A 41 10.96 9.73 29.01
CA MET A 41 9.53 9.32 29.21
C MET A 41 8.61 10.40 28.63
N LYS A 42 8.95 11.67 28.82
CA LYS A 42 8.10 12.81 28.40
C LYS A 42 8.15 13.02 26.88
N THR A 43 9.23 12.60 26.21
CA THR A 43 9.52 13.11 24.82
C THR A 43 9.74 11.98 23.82
N PHE A 44 9.77 10.72 24.25
CA PHE A 44 9.96 9.56 23.32
C PHE A 44 8.60 8.88 23.21
N ASP A 45 7.93 9.11 22.10
CA ASP A 45 6.67 8.44 21.68
C ASP A 45 7.03 7.03 21.19
N THR A 46 7.22 6.09 22.12
CA THR A 46 7.76 4.73 21.86
C THR A 46 6.79 3.93 20.99
N THR A 47 5.49 4.25 21.02
CA THR A 47 4.46 3.55 20.21
C THR A 47 4.15 4.33 18.93
N PHE A 48 4.77 5.50 18.73
CA PHE A 48 4.55 6.38 17.55
C PHE A 48 3.05 6.69 17.40
N SER A 49 2.34 6.78 18.53
N SER A 49 2.34 6.78 18.53
CA SER A 49 0.88 7.05 18.58
CA SER A 49 0.88 7.06 18.57
C SER A 49 0.56 8.43 17.97
C SER A 49 0.56 8.43 17.97
N HIS A 50 1.49 9.39 18.08
CA HIS A 50 1.24 10.79 17.67
C HIS A 50 1.91 11.09 16.33
N PHE A 51 2.48 10.07 15.67
CA PHE A 51 3.01 10.19 14.29
C PHE A 51 1.85 9.95 13.33
N LYS A 52 1.30 11.04 12.79
CA LYS A 52 0.09 11.05 11.92
C LYS A 52 0.30 12.04 10.76
N ASN A 53 -0.54 11.95 9.73
CA ASN A 53 -0.58 12.93 8.60
C ASN A 53 0.77 12.94 7.85
N PHE A 54 1.43 11.78 7.79
CA PHE A 54 2.70 11.61 7.04
C PHE A 54 2.37 11.23 5.58
N ARG A 55 3.29 11.59 4.69
CA ARG A 55 3.21 11.24 3.25
C ARG A 55 3.55 9.76 3.09
N LEU A 56 2.97 9.13 2.06
CA LEU A 56 3.25 7.71 1.68
C LEU A 56 3.59 7.68 0.20
N PRO A 57 4.36 6.68 -0.26
CA PRO A 57 4.65 6.54 -1.68
C PRO A 57 3.34 6.46 -2.46
N GLY A 58 3.30 7.09 -3.64
CA GLY A 58 2.11 7.18 -4.51
C GLY A 58 1.62 5.80 -4.94
N VAL A 59 0.38 5.74 -5.41
CA VAL A 59 -0.38 4.47 -5.69
C VAL A 59 -0.12 4.03 -7.14
N PRO A 73 20.98 15.04 -20.73
CA PRO A 73 21.60 14.74 -19.43
C PRO A 73 23.14 14.86 -19.51
N SER A 74 23.70 15.87 -18.84
CA SER A 74 25.15 16.21 -18.85
C SER A 74 25.97 15.13 -18.14
N ARG A 75 27.29 15.15 -18.31
CA ARG A 75 28.23 14.14 -17.74
C ARG A 75 28.40 14.39 -16.23
N GLU A 76 28.38 15.67 -15.81
CA GLU A 76 28.55 16.10 -14.39
C GLU A 76 27.34 15.65 -13.57
N GLU A 77 26.14 15.79 -14.14
CA GLU A 77 24.85 15.37 -13.51
C GLU A 77 24.77 13.84 -13.47
N ALA A 78 25.22 13.16 -14.52
CA ALA A 78 25.29 11.68 -14.60
C ALA A 78 26.13 11.13 -13.45
N ALA A 79 27.24 11.80 -13.12
CA ALA A 79 28.14 11.47 -11.99
C ALA A 79 27.39 11.64 -10.66
N LYS A 80 26.61 12.71 -10.53
CA LYS A 80 25.83 13.03 -9.30
C LYS A 80 24.77 11.94 -9.08
N TRP A 81 24.00 11.60 -10.11
CA TRP A 81 22.93 10.56 -10.08
C TRP A 81 23.52 9.21 -9.70
N SER A 82 24.65 8.82 -10.31
CA SER A 82 25.34 7.52 -10.07
C SER A 82 25.68 7.36 -8.58
N GLN A 83 26.26 8.38 -7.97
CA GLN A 83 26.62 8.37 -6.52
C GLN A 83 25.33 8.27 -5.67
N VAL A 84 24.29 9.03 -6.03
CA VAL A 84 22.98 9.07 -5.31
C VAL A 84 22.32 7.69 -5.35
N ARG A 85 22.44 6.98 -6.49
CA ARG A 85 21.90 5.60 -6.65
C ARG A 85 22.53 4.67 -5.60
N LYS A 86 23.85 4.77 -5.41
CA LYS A 86 24.58 3.97 -4.38
C LYS A 86 24.09 4.36 -2.98
N ASP A 87 23.98 5.67 -2.73
CA ASP A 87 23.55 6.25 -1.42
C ASP A 87 22.17 5.69 -1.04
N LEU A 88 21.23 5.64 -1.98
CA LEU A 88 19.81 5.26 -1.75
C LEU A 88 19.65 3.74 -1.67
N CYS A 89 20.38 2.98 -2.50
CA CYS A 89 20.27 1.50 -2.59
C CYS A 89 20.85 0.84 -1.32
N SER A 90 21.65 1.56 -0.54
CA SER A 90 22.28 1.07 0.71
C SER A 90 21.23 0.69 1.75
N LEU A 91 20.14 1.47 1.90
CA LEU A 91 19.09 1.29 2.95
C LEU A 91 17.76 0.98 2.28
N LYS A 92 17.54 -0.28 1.88
CA LYS A 92 16.29 -0.69 1.20
C LYS A 92 15.34 -1.32 2.22
N VAL A 93 14.20 -0.68 2.47
CA VAL A 93 13.15 -1.22 3.39
C VAL A 93 11.80 -1.30 2.66
N SER A 94 11.02 -2.31 3.02
CA SER A 94 9.55 -2.34 2.82
C SER A 94 8.88 -1.66 4.01
N LEU A 95 7.68 -1.13 3.79
CA LEU A 95 6.87 -0.41 4.79
C LEU A 95 5.59 -1.21 5.03
N GLN A 96 5.27 -1.51 6.28
CA GLN A 96 4.00 -2.16 6.68
C GLN A 96 3.21 -1.19 7.56
N LEU A 97 1.92 -1.02 7.25
CA LEU A 97 0.96 -0.19 8.02
C LEU A 97 -0.17 -1.11 8.49
N ARG A 98 -0.24 -1.38 9.79
CA ARG A 98 -1.28 -2.24 10.41
C ARG A 98 -2.44 -1.35 10.84
N GLY A 99 -3.65 -1.61 10.35
CA GLY A 99 -4.86 -0.87 10.74
C GLY A 99 -5.37 -1.32 12.10
N GLU A 100 -6.09 -0.45 12.81
CA GLU A 100 -6.76 -0.77 14.10
C GLU A 100 -7.78 -1.91 13.86
N ASP A 101 -8.30 -2.02 12.64
CA ASP A 101 -9.31 -3.05 12.24
C ASP A 101 -8.66 -4.42 12.00
N GLY A 102 -7.32 -4.51 12.00
CA GLY A 102 -6.58 -5.76 11.72
C GLY A 102 -6.18 -5.89 10.25
N SER A 103 -6.49 -4.90 9.41
CA SER A 103 -6.06 -4.85 7.98
C SER A 103 -4.56 -4.53 7.93
N VAL A 104 -3.86 -4.92 6.86
CA VAL A 104 -2.41 -4.60 6.67
C VAL A 104 -2.19 -4.07 5.24
N TRP A 105 -1.60 -2.88 5.12
CA TRP A 105 -1.02 -2.35 3.86
C TRP A 105 0.48 -2.60 3.89
N ASN A 106 1.02 -3.21 2.83
CA ASN A 106 2.47 -3.49 2.68
C ASN A 106 2.95 -2.78 1.41
N TYR A 107 4.03 -2.02 1.50
CA TYR A 107 4.68 -1.33 0.35
C TYR A 107 6.05 -1.95 0.08
N LYS A 108 6.21 -2.56 -1.10
CA LYS A 108 7.51 -3.01 -1.63
C LYS A 108 8.01 -1.94 -2.58
N PRO A 109 9.24 -1.40 -2.37
CA PRO A 109 9.74 -0.29 -3.18
C PRO A 109 10.09 -0.77 -4.58
N PRO A 110 10.14 0.13 -5.58
CA PRO A 110 10.48 -0.26 -6.94
C PRO A 110 11.95 -0.68 -7.03
N ALA A 111 12.27 -1.55 -7.99
CA ALA A 111 13.65 -1.79 -8.47
C ALA A 111 14.19 -0.48 -9.05
N ASP A 112 15.52 -0.29 -9.01
CA ASP A 112 16.20 0.82 -9.70
C ASP A 112 16.15 0.55 -11.21
N SER A 113 15.34 1.31 -11.94
CA SER A 113 15.25 1.32 -13.43
C SER A 113 15.91 2.59 -13.98
N GLY A 114 16.78 3.22 -13.17
CA GLY A 114 17.57 4.41 -13.55
C GLY A 114 16.70 5.66 -13.70
N GLY A 115 15.69 5.82 -12.84
CA GLY A 115 14.75 6.96 -12.88
C GLY A 115 14.43 7.50 -11.49
N LYS A 116 13.40 8.34 -11.40
CA LYS A 116 12.94 9.06 -10.17
C LYS A 116 12.36 8.09 -9.13
N GLU A 117 12.09 6.84 -9.52
CA GLU A 117 11.43 5.80 -8.66
C GLU A 117 12.27 5.54 -7.40
N ILE A 118 13.59 5.73 -7.47
CA ILE A 118 14.54 5.49 -6.33
C ILE A 118 14.23 6.46 -5.18
N PHE A 119 13.46 7.52 -5.43
CA PHE A 119 13.16 8.60 -4.46
C PHE A 119 11.77 8.43 -3.82
N SER A 120 11.06 7.32 -4.07
CA SER A 120 9.62 7.20 -3.77
C SER A 120 9.37 7.26 -2.25
N LEU A 121 10.31 6.81 -1.42
CA LEU A 121 10.10 6.79 0.06
C LEU A 121 10.68 8.04 0.75
N LEU A 122 11.31 8.96 0.02
CA LEU A 122 12.00 10.12 0.63
C LEU A 122 11.01 11.04 1.35
N PRO A 123 9.84 11.40 0.78
CA PRO A 123 8.86 12.24 1.50
C PRO A 123 8.45 11.59 2.83
N HIS A 124 8.11 10.31 2.81
CA HIS A 124 7.75 9.55 4.04
C HIS A 124 8.91 9.61 5.05
N MET A 125 10.12 9.33 4.60
CA MET A 125 11.31 9.29 5.49
C MET A 125 11.61 10.69 6.03
N ALA A 126 11.38 11.72 5.23
CA ALA A 126 11.50 13.13 5.69
C ALA A 126 10.48 13.40 6.80
N ASP A 127 9.24 12.93 6.66
CA ASP A 127 8.19 13.12 7.68
C ASP A 127 8.57 12.37 8.97
N MET A 128 9.00 11.13 8.85
CA MET A 128 9.41 10.33 10.04
C MET A 128 10.63 10.98 10.72
N SER A 129 11.64 11.39 9.95
CA SER A 129 12.87 12.04 10.47
C SER A 129 12.49 13.32 11.23
N THR A 130 11.62 14.13 10.65
CA THR A 130 11.21 15.43 11.22
C THR A 130 10.51 15.16 12.55
N TYR A 131 9.62 14.18 12.58
CA TYR A 131 8.87 13.77 13.80
C TYR A 131 9.86 13.37 14.90
N MET A 132 10.83 12.54 14.56
CA MET A 132 11.85 12.06 15.54
C MET A 132 12.71 13.25 16.01
N PHE A 133 13.13 14.14 15.10
CA PHE A 133 13.96 15.31 15.46
C PHE A 133 13.22 16.20 16.48
N LYS A 134 11.91 16.40 16.28
CA LYS A 134 11.09 17.20 17.22
C LYS A 134 11.12 16.57 18.62
N GLY A 135 11.02 15.24 18.72
CA GLY A 135 11.11 14.52 20.02
C GLY A 135 12.47 14.70 20.67
N ILE A 136 13.55 14.72 19.88
CA ILE A 136 14.95 14.90 20.36
C ILE A 136 15.14 16.34 20.86
N ILE A 137 14.59 17.32 20.15
CA ILE A 137 14.63 18.75 20.59
C ILE A 137 13.90 18.86 21.93
N SER A 138 12.74 18.24 22.06
CA SER A 138 11.94 18.27 23.32
C SER A 138 12.73 17.59 24.44
N PHE A 139 13.37 16.46 24.16
CA PHE A 139 14.24 15.74 25.12
C PHE A 139 15.29 16.69 25.69
N ALA A 140 16.05 17.36 24.82
CA ALA A 140 17.16 18.25 25.22
C ALA A 140 16.60 19.39 26.08
N LYS A 141 15.45 19.95 25.70
CA LYS A 141 14.83 21.12 26.40
C LYS A 141 14.48 20.79 27.85
N VAL A 142 14.12 19.54 28.17
CA VAL A 142 13.71 19.10 29.54
C VAL A 142 14.92 19.07 30.47
N ILE A 143 16.14 18.91 29.91
CA ILE A 143 17.37 18.69 30.71
C ILE A 143 17.89 20.04 31.20
N SER A 144 17.96 20.23 32.52
CA SER A 144 18.41 21.48 33.18
C SER A 144 19.78 21.90 32.61
N TYR A 145 20.73 20.97 32.54
CA TYR A 145 22.12 21.20 32.09
C TYR A 145 22.14 21.75 30.66
N PHE A 146 21.17 21.34 29.84
CA PHE A 146 21.07 21.80 28.43
C PHE A 146 20.46 23.22 28.37
N ARG A 147 19.32 23.44 29.02
CA ARG A 147 18.62 24.75 29.07
C ARG A 147 19.56 25.85 29.58
N ASP A 148 20.48 25.50 30.48
CA ASP A 148 21.40 26.47 31.14
C ASP A 148 22.51 26.89 30.18
N LEU A 149 22.68 26.23 29.03
CA LEU A 149 23.67 26.65 28.02
C LEU A 149 23.13 27.84 27.24
N PRO A 150 24.00 28.70 26.66
CA PRO A 150 23.55 29.76 25.75
C PRO A 150 22.78 29.15 24.57
N ILE A 151 21.77 29.86 24.07
CA ILE A 151 20.84 29.37 23.01
C ILE A 151 21.66 28.92 21.78
N GLU A 152 22.73 29.64 21.43
CA GLU A 152 23.55 29.31 20.22
C GLU A 152 24.26 27.96 20.43
N ASP A 153 24.69 27.65 21.65
CA ASP A 153 25.29 26.33 22.01
C ASP A 153 24.20 25.24 21.97
N GLN A 154 22.99 25.52 22.44
CA GLN A 154 21.84 24.58 22.34
C GLN A 154 21.63 24.23 20.86
N ILE A 155 21.66 25.23 19.98
CA ILE A 155 21.47 25.04 18.51
C ILE A 155 22.61 24.17 17.98
N SER A 156 23.86 24.51 18.32
CA SER A 156 25.06 23.82 17.79
C SER A 156 25.04 22.35 18.22
N LEU A 157 24.67 22.08 19.47
CA LEU A 157 24.68 20.70 20.03
C LEU A 157 23.58 19.87 19.36
N LEU A 158 22.41 20.45 19.11
CA LEU A 158 21.29 19.72 18.48
C LEU A 158 21.60 19.47 17.01
N LYS A 159 22.21 20.44 16.30
CA LYS A 159 22.66 20.22 14.90
C LYS A 159 23.65 19.06 14.86
N GLY A 160 24.58 19.06 15.82
CA GLY A 160 25.64 18.05 15.94
C GLY A 160 25.10 16.66 16.23
N ALA A 161 24.07 16.53 17.07
CA ALA A 161 23.66 15.25 17.70
C ALA A 161 22.32 14.71 17.19
N ALA A 162 21.52 15.50 16.47
CA ALA A 162 20.11 15.15 16.14
C ALA A 162 20.03 13.74 15.52
N PHE A 163 20.82 13.48 14.50
CA PHE A 163 20.84 12.17 13.79
C PHE A 163 21.23 11.06 14.77
N GLU A 164 22.25 11.30 15.57
CA GLU A 164 22.79 10.30 16.53
C GLU A 164 21.68 9.93 17.52
N LEU A 165 21.01 10.90 18.11
CA LEU A 165 19.97 10.63 19.13
C LEU A 165 18.79 9.90 18.47
N CYS A 166 18.45 10.26 17.23
N CYS A 166 18.45 10.26 17.23
CA CYS A 166 17.38 9.60 16.45
CA CYS A 166 17.37 9.59 16.46
C CYS A 166 17.73 8.11 16.29
C CYS A 166 17.73 8.11 16.29
N GLN A 167 18.98 7.81 15.91
CA GLN A 167 19.41 6.40 15.70
C GLN A 167 19.43 5.66 17.03
N LEU A 168 19.81 6.30 18.14
CA LEU A 168 19.80 5.59 19.45
C LEU A 168 18.36 5.26 19.84
N ARG A 169 17.42 6.19 19.62
CA ARG A 169 15.99 5.89 19.88
C ARG A 169 15.51 4.76 18.94
N PHE A 170 15.84 4.83 17.65
CA PHE A 170 15.42 3.79 16.68
C PHE A 170 15.96 2.41 17.09
N ASN A 171 17.16 2.35 17.67
CA ASN A 171 17.75 1.04 18.08
C ASN A 171 16.81 0.36 19.08
N THR A 172 16.13 1.12 19.93
CA THR A 172 15.26 0.54 20.97
C THR A 172 14.00 -0.09 20.36
N VAL A 173 13.65 0.21 19.11
CA VAL A 173 12.48 -0.42 18.44
C VAL A 173 12.96 -1.37 17.34
N PHE A 174 14.28 -1.63 17.27
CA PHE A 174 14.86 -2.53 16.26
C PHE A 174 14.74 -3.99 16.73
N ASN A 175 14.15 -4.82 15.88
CA ASN A 175 14.05 -6.28 16.08
C ASN A 175 15.17 -6.93 15.26
N ALA A 176 16.25 -7.35 15.92
CA ALA A 176 17.44 -7.92 15.25
C ALA A 176 17.10 -9.29 14.62
N GLU A 177 16.09 -9.99 15.14
CA GLU A 177 15.68 -11.33 14.63
C GLU A 177 15.00 -11.19 13.26
N THR A 178 14.26 -10.11 13.02
CA THR A 178 13.45 -9.90 11.79
C THR A 178 14.01 -8.77 10.93
N GLY A 179 15.05 -8.07 11.38
CA GLY A 179 15.60 -6.89 10.66
C GLY A 179 14.54 -5.82 10.43
N THR A 180 13.72 -5.57 11.46
CA THR A 180 12.55 -4.66 11.38
C THR A 180 12.63 -3.60 12.48
N TRP A 181 12.45 -2.32 12.12
CA TRP A 181 12.14 -1.24 13.07
C TRP A 181 10.62 -1.20 13.26
N GLU A 182 10.18 -1.53 14.48
CA GLU A 182 8.76 -1.67 14.87
C GLU A 182 8.31 -0.34 15.47
N CYS A 183 7.64 0.49 14.67
CA CYS A 183 7.27 1.89 15.02
C CYS A 183 5.75 1.99 15.23
N GLY A 184 5.28 1.33 16.29
CA GLY A 184 3.84 1.14 16.58
C GLY A 184 3.17 0.38 15.45
N ARG A 185 2.27 1.04 14.74
CA ARG A 185 1.48 0.41 13.65
C ARG A 185 2.27 0.47 12.34
N LEU A 186 3.39 1.19 12.32
CA LEU A 186 4.32 1.27 11.16
C LEU A 186 5.51 0.32 11.42
N SER A 187 5.93 -0.43 10.39
CA SER A 187 7.12 -1.31 10.43
C SER A 187 7.97 -1.00 9.21
N TYR A 188 9.30 -0.97 9.39
CA TYR A 188 10.29 -0.84 8.30
C TYR A 188 11.15 -2.09 8.32
N CYS A 189 11.05 -2.90 7.27
CA CYS A 189 11.68 -4.23 7.19
C CYS A 189 12.77 -4.21 6.11
N LEU A 190 14.00 -4.54 6.48
CA LEU A 190 15.13 -4.59 5.54
C LEU A 190 14.80 -5.59 4.42
N GLU A 191 14.95 -5.16 3.16
CA GLU A 191 14.79 -6.01 1.96
C GLU A 191 16.01 -6.93 1.85
N ASP A 192 15.82 -8.19 1.45
CA ASP A 192 16.95 -9.15 1.27
C ASP A 192 17.75 -8.72 0.05
N THR A 193 19.09 -8.77 0.15
CA THR A 193 20.05 -8.63 -0.97
C THR A 193 20.66 -10.02 -1.24
N ALA A 194 21.41 -10.16 -2.34
CA ALA A 194 21.94 -11.45 -2.86
C ALA A 194 22.88 -12.11 -1.84
N GLY A 195 23.61 -11.30 -1.05
CA GLY A 195 24.62 -11.78 -0.09
C GLY A 195 24.06 -12.08 1.29
N GLY A 196 22.75 -11.89 1.49
CA GLY A 196 22.05 -12.15 2.77
C GLY A 196 22.54 -11.22 3.88
N PHE A 197 22.58 -11.74 5.12
CA PHE A 197 22.89 -11.00 6.38
C PHE A 197 24.31 -10.44 6.33
N GLN A 198 25.26 -11.15 5.70
CA GLN A 198 26.69 -10.79 5.62
C GLN A 198 26.88 -9.55 4.74
N GLN A 199 26.06 -9.40 3.69
CA GLN A 199 26.08 -8.19 2.80
C GLN A 199 25.51 -6.99 3.56
N LEU A 200 24.41 -7.17 4.31
CA LEU A 200 23.76 -6.09 5.11
C LEU A 200 24.77 -5.51 6.11
N LEU A 201 25.54 -6.37 6.79
CA LEU A 201 26.50 -5.98 7.86
C LEU A 201 27.65 -5.13 7.30
N LEU A 202 27.83 -5.08 5.97
CA LEU A 202 28.85 -4.21 5.33
C LEU A 202 28.36 -2.76 5.35
N GLU A 203 27.04 -2.54 5.49
CA GLU A 203 26.46 -1.17 5.55
C GLU A 203 26.63 -0.67 6.99
N PRO A 204 27.48 0.35 7.24
CA PRO A 204 27.82 0.73 8.62
C PRO A 204 26.60 0.99 9.51
N MET A 205 25.56 1.65 8.99
CA MET A 205 24.34 1.96 9.78
C MET A 205 23.66 0.67 10.24
N LEU A 206 23.62 -0.36 9.39
CA LEU A 206 22.91 -1.63 9.71
C LEU A 206 23.75 -2.40 10.73
N LYS A 207 25.07 -2.47 10.51
CA LYS A 207 26.03 -3.12 11.45
C LYS A 207 25.88 -2.46 12.82
N PHE A 208 25.78 -1.13 12.85
CA PHE A 208 25.62 -0.35 14.11
C PHE A 208 24.39 -0.86 14.88
N HIS A 209 23.23 -0.97 14.21
CA HIS A 209 21.96 -1.38 14.86
C HIS A 209 22.08 -2.81 15.38
N TYR A 210 22.67 -3.71 14.60
CA TYR A 210 22.85 -5.11 15.04
C TYR A 210 23.78 -5.16 16.26
N MET A 211 24.91 -4.47 16.20
CA MET A 211 25.95 -4.52 17.27
CA MET A 211 25.95 -4.54 17.27
C MET A 211 25.43 -3.86 18.55
N LEU A 212 24.73 -2.73 18.42
CA LEU A 212 24.19 -2.06 19.63
C LEU A 212 23.10 -2.94 20.26
N LYS A 213 22.22 -3.53 19.46
CA LYS A 213 21.11 -4.37 20.00
C LYS A 213 21.71 -5.54 20.79
N LYS A 214 22.84 -6.10 20.33
CA LYS A 214 23.44 -7.31 20.95
CA LYS A 214 23.45 -7.30 20.95
C LYS A 214 23.97 -6.98 22.35
N LEU A 215 24.24 -5.71 22.66
CA LEU A 215 24.72 -5.32 24.01
C LEU A 215 23.60 -5.43 25.05
N GLN A 216 22.32 -5.50 24.62
CA GLN A 216 21.14 -5.67 25.53
C GLN A 216 21.18 -4.61 26.64
N LEU A 217 21.27 -3.34 26.23
CA LEU A 217 21.37 -2.20 27.16
C LEU A 217 20.02 -1.95 27.84
N HIS A 218 20.09 -1.42 29.06
CA HIS A 218 18.95 -0.95 29.85
C HIS A 218 18.45 0.39 29.29
N GLU A 219 17.21 0.77 29.58
CA GLU A 219 16.69 2.12 29.27
C GLU A 219 17.69 3.17 29.77
N GLU A 220 18.20 3.00 30.99
CA GLU A 220 19.11 3.97 31.66
C GLU A 220 20.40 4.13 30.84
N GLU A 221 20.92 3.04 30.28
CA GLU A 221 22.17 3.06 29.48
C GLU A 221 21.91 3.78 28.15
N TYR A 222 20.77 3.53 27.51
CA TYR A 222 20.41 4.25 26.27
C TYR A 222 20.33 5.75 26.55
N VAL A 223 19.66 6.19 27.63
CA VAL A 223 19.48 7.66 27.86
CA VAL A 223 19.48 7.66 27.83
C VAL A 223 20.83 8.30 28.19
N LEU A 224 21.70 7.59 28.89
CA LEU A 224 23.06 8.10 29.19
C LEU A 224 23.87 8.19 27.89
N MET A 225 23.71 7.23 26.96
CA MET A 225 24.35 7.32 25.62
C MET A 225 23.85 8.58 24.89
N GLN A 226 22.55 8.86 24.98
CA GLN A 226 21.94 10.06 24.36
C GLN A 226 22.58 11.31 24.96
N ALA A 227 22.75 11.35 26.29
CA ALA A 227 23.32 12.51 27.00
C ALA A 227 24.77 12.72 26.57
N ILE A 228 25.55 11.63 26.46
CA ILE A 228 26.99 11.71 26.08
C ILE A 228 27.09 12.23 24.64
N SER A 229 26.24 11.74 23.73
CA SER A 229 26.17 12.24 22.33
C SER A 229 25.79 13.72 22.30
N LEU A 230 24.71 14.08 23.00
CA LEU A 230 24.16 15.45 22.99
C LEU A 230 25.22 16.45 23.47
N PHE A 231 25.89 16.15 24.58
CA PHE A 231 26.86 17.06 25.25
C PHE A 231 28.26 16.77 24.73
N SER A 232 28.45 16.86 23.41
CA SER A 232 29.75 16.67 22.72
C SER A 232 30.40 18.04 22.53
N PRO A 233 31.52 18.32 23.22
CA PRO A 233 32.13 19.65 23.17
C PRO A 233 32.73 20.02 21.81
N ASP A 234 32.95 19.03 20.93
CA ASP A 234 33.73 19.21 19.67
CA ASP A 234 33.73 19.21 19.67
C ASP A 234 32.80 19.37 18.46
N ARG A 235 31.49 19.60 18.67
CA ARG A 235 30.56 19.87 17.55
C ARG A 235 30.93 21.21 16.93
N PRO A 236 30.79 21.39 15.60
CA PRO A 236 30.99 22.69 14.97
C PRO A 236 30.19 23.80 15.66
N GLY A 237 30.86 24.90 16.03
CA GLY A 237 30.21 26.16 16.43
C GLY A 237 30.05 26.28 17.94
N VAL A 238 30.40 25.25 18.72
CA VAL A 238 30.22 25.27 20.20
C VAL A 238 31.20 26.29 20.79
N LEU A 239 30.72 27.17 21.66
CA LEU A 239 31.53 28.23 22.32
C LEU A 239 31.89 27.79 23.74
N GLN A 240 30.95 27.27 24.53
CA GLN A 240 31.20 26.84 25.94
CA GLN A 240 31.20 26.84 25.94
C GLN A 240 31.77 25.42 25.95
N HIS A 241 32.86 25.19 25.19
CA HIS A 241 33.55 23.90 25.00
C HIS A 241 33.88 23.25 26.36
N ARG A 242 34.40 24.06 27.30
CA ARG A 242 34.90 23.58 28.61
C ARG A 242 33.73 23.08 29.46
N VAL A 243 32.64 23.84 29.53
CA VAL A 243 31.42 23.48 30.30
C VAL A 243 30.81 22.20 29.71
N VAL A 244 30.71 22.11 28.38
CA VAL A 244 30.08 20.94 27.69
C VAL A 244 30.97 19.72 27.94
N ASP A 245 32.29 19.90 27.85
CA ASP A 245 33.27 18.81 28.10
C ASP A 245 33.07 18.27 29.53
N GLN A 246 32.91 19.15 30.52
CA GLN A 246 32.75 18.74 31.95
C GLN A 246 31.42 18.02 32.14
N LEU A 247 30.33 18.49 31.50
CA LEU A 247 29.02 17.81 31.54
C LEU A 247 29.15 16.41 30.91
N GLN A 248 29.80 16.31 29.75
CA GLN A 248 29.95 15.02 29.04
C GLN A 248 30.69 14.05 29.96
N GLU A 249 31.78 14.51 30.59
CA GLU A 249 32.59 13.65 31.50
C GLU A 249 31.69 13.14 32.64
N GLN A 250 30.83 13.98 33.22
CA GLN A 250 29.97 13.56 34.37
C GLN A 250 28.93 12.54 33.90
N PHE A 251 28.36 12.70 32.69
CA PHE A 251 27.43 11.68 32.13
C PHE A 251 28.17 10.36 31.92
N ALA A 252 29.38 10.41 31.39
CA ALA A 252 30.22 9.21 31.12
C ALA A 252 30.55 8.52 32.44
N ILE A 253 30.96 9.27 33.47
CA ILE A 253 31.29 8.72 34.81
C ILE A 253 30.02 8.06 35.38
N THR A 254 28.85 8.70 35.25
CA THR A 254 27.56 8.15 35.74
C THR A 254 27.27 6.81 35.06
N LEU A 255 27.46 6.74 33.73
CA LEU A 255 27.23 5.49 32.96
C LEU A 255 28.20 4.40 33.44
N LYS A 256 29.49 4.72 33.52
CA LYS A 256 30.55 3.79 34.00
C LYS A 256 30.17 3.23 35.38
N SER A 257 29.75 4.11 36.30
CA SER A 257 29.34 3.75 37.69
C SER A 257 28.07 2.91 37.68
N TYR A 258 27.09 3.28 36.85
CA TYR A 258 25.82 2.54 36.69
C TYR A 258 26.14 1.09 36.33
N ILE A 259 27.05 0.91 35.37
CA ILE A 259 27.43 -0.45 34.88
C ILE A 259 28.13 -1.22 36.01
N GLU A 260 29.05 -0.55 36.72
CA GLU A 260 29.83 -1.20 37.82
C GLU A 260 28.87 -1.66 38.93
N CYS A 261 27.79 -0.92 39.21
CA CYS A 261 26.85 -1.15 40.35
C CYS A 261 25.70 -2.08 39.97
N ASN A 262 25.26 -2.11 38.72
CA ASN A 262 24.00 -2.79 38.33
C ASN A 262 24.26 -4.01 37.46
N ARG A 263 25.49 -4.26 37.03
CA ARG A 263 25.76 -5.41 36.17
C ARG A 263 26.77 -6.31 36.87
N PRO A 264 26.57 -7.65 36.80
CA PRO A 264 27.44 -8.61 37.47
C PRO A 264 28.86 -8.49 36.92
N GLN A 265 29.79 -8.10 37.77
CA GLN A 265 31.22 -7.90 37.40
C GLN A 265 32.00 -9.17 37.74
N PRO A 266 32.89 -9.70 36.86
CA PRO A 266 33.33 -9.03 35.63
C PRO A 266 32.84 -9.45 34.22
N ALA A 267 31.70 -10.12 34.07
CA ALA A 267 31.08 -10.36 32.74
C ALA A 267 30.96 -9.04 31.94
N HIS A 268 30.70 -7.92 32.63
CA HIS A 268 30.41 -6.60 32.00
C HIS A 268 31.59 -5.62 32.19
N ARG A 269 32.77 -6.16 32.42
CA ARG A 269 34.01 -5.41 32.68
C ARG A 269 34.23 -4.32 31.62
N PHE A 270 34.05 -4.62 30.34
CA PHE A 270 34.36 -3.67 29.23
C PHE A 270 33.08 -3.14 28.58
N LEU A 271 31.92 -3.31 29.19
CA LEU A 271 30.64 -2.83 28.59
C LEU A 271 30.72 -1.31 28.36
N PHE A 272 31.19 -0.55 29.35
CA PHE A 272 31.30 0.92 29.19
C PHE A 272 32.16 1.26 27.96
N LEU A 273 33.31 0.60 27.78
CA LEU A 273 34.21 0.91 26.64
C LEU A 273 33.55 0.47 25.32
N LYS A 274 32.78 -0.62 25.32
CA LYS A 274 32.01 -1.04 24.12
C LYS A 274 31.01 0.06 23.75
N ILE A 275 30.31 0.62 24.74
CA ILE A 275 29.31 1.70 24.51
C ILE A 275 30.03 2.92 23.92
N MET A 276 31.19 3.29 24.47
CA MET A 276 31.92 4.49 23.98
CA MET A 276 31.99 4.46 24.00
C MET A 276 32.40 4.21 22.54
N ALA A 277 32.81 2.98 22.22
CA ALA A 277 33.22 2.60 20.85
C ALA A 277 32.02 2.74 19.90
N MET A 278 30.83 2.39 20.38
CA MET A 278 29.58 2.45 19.55
C MET A 278 29.25 3.93 19.29
N LEU A 279 29.47 4.81 20.27
CA LEU A 279 29.25 6.27 20.12
C LEU A 279 30.25 6.85 19.13
N THR A 280 31.51 6.41 19.14
CA THR A 280 32.54 6.86 18.17
C THR A 280 32.11 6.44 16.76
N GLU A 281 31.67 5.19 16.60
CA GLU A 281 31.20 4.66 15.29
C GLU A 281 30.00 5.48 14.82
N LEU A 282 29.06 5.78 15.73
CA LEU A 282 27.82 6.53 15.38
C LEU A 282 28.19 7.94 14.90
N ARG A 283 29.21 8.56 15.48
CA ARG A 283 29.72 9.89 15.04
C ARG A 283 30.20 9.79 13.59
N SER A 284 30.92 8.72 13.23
CA SER A 284 31.40 8.48 11.85
CA SER A 284 31.40 8.48 11.85
C SER A 284 30.22 8.30 10.90
N ILE A 285 29.24 7.47 11.27
CA ILE A 285 28.00 7.21 10.48
C ILE A 285 27.24 8.53 10.28
N ASN A 286 27.16 9.36 11.32
CA ASN A 286 26.55 10.72 11.29
C ASN A 286 27.16 11.54 10.14
N ALA A 287 28.49 11.65 10.11
CA ALA A 287 29.23 12.41 9.07
C ALA A 287 28.88 11.85 7.67
N GLN A 288 28.89 10.52 7.50
CA GLN A 288 28.62 9.84 6.20
C GLN A 288 27.17 10.10 5.79
N HIS A 289 26.22 10.07 6.74
CA HIS A 289 24.77 10.29 6.49
C HIS A 289 24.53 11.72 6.01
N THR A 290 25.14 12.72 6.66
CA THR A 290 25.00 14.15 6.26
C THR A 290 25.44 14.30 4.81
N GLN A 291 26.56 13.69 4.40
CA GLN A 291 27.10 13.80 3.02
CA GLN A 291 27.08 13.82 3.02
C GLN A 291 26.11 13.16 2.04
N ARG A 292 25.56 11.99 2.39
CA ARG A 292 24.54 11.28 1.57
C ARG A 292 23.32 12.19 1.39
N LEU A 293 22.80 12.73 2.48
CA LEU A 293 21.58 13.58 2.47
C LEU A 293 21.78 14.79 1.54
N LEU A 294 22.93 15.45 1.64
CA LEU A 294 23.26 16.68 0.87
C LEU A 294 23.37 16.36 -0.62
N ARG A 295 23.95 15.21 -0.98
CA ARG A 295 24.03 14.75 -2.41
C ARG A 295 22.61 14.53 -2.94
N ILE A 296 21.74 13.85 -2.18
CA ILE A 296 20.35 13.54 -2.63
C ILE A 296 19.58 14.86 -2.78
N GLN A 297 19.66 15.73 -1.76
CA GLN A 297 18.95 17.04 -1.72
C GLN A 297 19.32 17.84 -2.97
N ASP A 298 20.59 17.77 -3.38
CA ASP A 298 21.17 18.56 -4.49
C ASP A 298 20.44 18.25 -5.80
N ILE A 299 20.14 16.97 -6.08
CA ILE A 299 19.46 16.56 -7.35
C ILE A 299 17.97 16.31 -7.12
N HIS A 300 17.52 16.05 -5.88
CA HIS A 300 16.08 15.79 -5.59
C HIS A 300 15.71 16.37 -4.23
N PRO A 301 15.34 17.68 -4.15
CA PRO A 301 14.97 18.30 -2.89
C PRO A 301 13.85 17.52 -2.20
N PHE A 302 14.02 17.20 -0.93
CA PHE A 302 13.00 16.47 -0.13
C PHE A 302 13.01 16.90 1.35
N ALA A 303 14.06 17.58 1.82
CA ALA A 303 14.23 17.91 3.25
C ALA A 303 13.11 18.87 3.65
N THR A 304 12.52 18.64 4.82
CA THR A 304 11.54 19.54 5.45
C THR A 304 12.29 20.80 5.90
N PRO A 305 11.59 21.90 6.21
CA PRO A 305 12.24 23.10 6.74
C PRO A 305 13.14 22.84 7.95
N LEU A 306 12.69 22.01 8.90
CA LEU A 306 13.50 21.71 10.12
C LEU A 306 14.76 20.94 9.72
N MET A 307 14.62 19.97 8.82
CA MET A 307 15.76 19.21 8.28
C MET A 307 16.76 20.16 7.58
N GLN A 308 16.28 21.14 6.84
CA GLN A 308 17.15 22.12 6.13
C GLN A 308 18.04 22.82 7.17
N GLU A 309 17.46 23.24 8.30
CA GLU A 309 18.21 23.92 9.39
C GLU A 309 19.22 22.96 10.02
N LEU A 310 18.78 21.75 10.40
CA LEU A 310 19.62 20.79 11.16
C LEU A 310 20.84 20.37 10.32
N PHE A 311 20.69 20.28 8.99
CA PHE A 311 21.71 19.72 8.05
C PHE A 311 22.36 20.83 7.21
N GLY A 312 21.98 22.10 7.43
CA GLY A 312 22.67 23.28 6.88
C GLY A 312 22.34 23.54 5.42
N ILE A 313 21.10 23.27 4.99
CA ILE A 313 20.61 23.50 3.59
C ILE A 313 19.94 24.88 3.56
N THR A 314 20.16 25.67 2.49
CA THR A 314 19.48 26.98 2.28
C THR A 314 18.16 26.77 1.53
N GLY A 315 17.17 27.62 1.82
CA GLY A 315 15.91 27.75 1.04
C GLY A 315 15.60 29.21 0.76
N SER A 316 14.66 29.46 -0.17
CA SER A 316 14.14 30.79 -0.59
C SER A 316 14.11 30.85 -2.13
N SER A 325 23.06 35.61 9.05
CA SER A 325 24.40 35.92 9.61
C SER A 325 24.68 35.02 10.82
N SER A 326 24.06 35.34 11.97
CA SER A 326 24.24 34.62 13.26
C SER A 326 23.60 33.22 13.17
N LEU A 327 24.12 32.26 13.95
CA LEU A 327 23.57 30.89 14.11
C LEU A 327 22.05 30.96 14.36
N THR A 328 21.59 31.85 15.23
CA THR A 328 20.15 32.03 15.56
C THR A 328 19.36 32.41 14.30
N GLU A 329 19.88 33.37 13.53
CA GLU A 329 19.19 33.91 12.31
C GLU A 329 19.09 32.81 11.24
N ARG A 330 20.07 31.91 11.18
CA ARG A 330 20.12 30.81 10.17
C ARG A 330 19.38 29.57 10.69
N HIS A 331 18.85 29.60 11.92
CA HIS A 331 18.14 28.45 12.53
C HIS A 331 16.90 28.95 13.28
N LYS A 332 16.02 29.67 12.59
CA LYS A 332 14.86 30.34 13.24
C LYS A 332 13.84 29.32 13.71
N ILE A 333 13.68 28.18 13.02
CA ILE A 333 12.73 27.13 13.45
C ILE A 333 13.28 26.50 14.74
N LEU A 334 14.55 26.10 14.76
CA LEU A 334 15.21 25.50 15.95
C LEU A 334 15.11 26.49 17.12
N HIS A 335 15.42 27.77 16.86
CA HIS A 335 15.37 28.84 17.88
C HIS A 335 13.95 28.89 18.48
N ARG A 336 12.92 28.91 17.63
CA ARG A 336 11.51 28.95 18.08
CA ARG A 336 11.50 28.95 18.08
C ARG A 336 11.22 27.71 18.94
N LEU A 337 11.59 26.51 18.46
CA LEU A 337 11.29 25.24 19.18
C LEU A 337 11.98 25.24 20.55
N LEU A 338 13.20 25.78 20.64
CA LEU A 338 13.98 25.84 21.90
C LEU A 338 13.38 26.87 22.87
N GLN A 339 12.73 27.93 22.37
CA GLN A 339 12.16 29.00 23.22
C GLN A 339 10.76 28.61 23.69
N GLU A 340 10.09 27.70 22.98
CA GLU A 340 8.69 27.29 23.33
C GLU A 340 8.73 26.45 24.61
N GLY A 341 7.69 26.56 25.44
CA GLY A 341 7.57 25.87 26.74
C GLY A 341 7.58 24.37 26.54
N SER A 342 8.47 23.66 27.25
CA SER A 342 8.69 22.19 27.13
C SER A 342 7.47 21.44 27.70
N LEU B 20 -11.38 -27.02 -40.88
CA LEU B 20 -12.16 -26.35 -41.97
C LEU B 20 -11.84 -24.84 -41.97
N GLY B 21 -11.86 -24.21 -40.79
CA GLY B 21 -11.55 -22.78 -40.60
C GLY B 21 -12.70 -21.87 -40.98
N VAL B 22 -12.39 -20.63 -41.36
CA VAL B 22 -13.37 -19.51 -41.52
C VAL B 22 -14.25 -19.76 -42.78
N GLN B 23 -13.79 -20.57 -43.73
CA GLN B 23 -14.58 -21.03 -44.91
C GLN B 23 -15.77 -21.90 -44.47
N GLY B 24 -15.69 -22.51 -43.29
CA GLY B 24 -16.80 -23.28 -42.67
C GLY B 24 -17.94 -22.40 -42.21
N LEU B 25 -17.66 -21.11 -42.00
CA LEU B 25 -18.64 -20.11 -41.54
C LEU B 25 -19.20 -19.39 -42.76
N THR B 26 -20.46 -18.95 -42.71
CA THR B 26 -21.07 -18.06 -43.73
C THR B 26 -20.37 -16.71 -43.62
N GLU B 27 -20.42 -15.92 -44.69
CA GLU B 27 -19.89 -14.53 -44.72
C GLU B 27 -20.50 -13.77 -43.55
N GLU B 28 -21.80 -13.93 -43.31
CA GLU B 28 -22.55 -13.20 -42.24
C GLU B 28 -21.99 -13.60 -40.87
N GLN B 29 -21.67 -14.90 -40.69
CA GLN B 29 -21.13 -15.44 -39.41
C GLN B 29 -19.73 -14.84 -39.19
N ARG B 30 -18.91 -14.80 -40.23
CA ARG B 30 -17.54 -14.24 -40.16
C ARG B 30 -17.61 -12.76 -39.81
N MET B 31 -18.52 -12.03 -40.44
CA MET B 31 -18.74 -10.57 -40.21
C MET B 31 -19.14 -10.36 -38.75
N MET B 32 -20.05 -11.20 -38.25
CA MET B 32 -20.60 -11.15 -36.89
C MET B 32 -19.46 -11.28 -35.89
N ILE B 33 -18.61 -12.29 -36.08
CA ILE B 33 -17.47 -12.56 -35.16
C ILE B 33 -16.48 -11.42 -35.26
N ARG B 34 -16.20 -10.94 -36.48
CA ARG B 34 -15.26 -9.81 -36.69
C ARG B 34 -15.74 -8.59 -35.88
N GLU B 35 -17.02 -8.26 -35.98
CA GLU B 35 -17.60 -7.07 -35.29
C GLU B 35 -17.50 -7.27 -33.78
N LEU B 36 -17.84 -8.45 -33.26
CA LEU B 36 -17.78 -8.72 -31.79
C LEU B 36 -16.34 -8.60 -31.29
N MET B 37 -15.38 -9.17 -32.01
CA MET B 37 -13.95 -9.17 -31.59
C MET B 37 -13.42 -7.73 -31.64
N ASP B 38 -13.78 -6.98 -32.69
CA ASP B 38 -13.40 -5.55 -32.79
C ASP B 38 -13.99 -4.78 -31.60
N ALA B 39 -15.27 -5.01 -31.28
CA ALA B 39 -15.97 -4.35 -30.16
C ALA B 39 -15.23 -4.66 -28.87
N GLN B 40 -14.84 -5.92 -28.64
CA GLN B 40 -14.13 -6.34 -27.42
C GLN B 40 -12.79 -5.60 -27.30
N MET B 41 -11.99 -5.59 -28.37
CA MET B 41 -10.65 -4.94 -28.37
C MET B 41 -10.81 -3.43 -28.07
N LYS B 42 -11.85 -2.80 -28.61
CA LYS B 42 -12.06 -1.33 -28.47
C LYS B 42 -12.56 -0.96 -27.06
N THR B 43 -13.15 -1.89 -26.31
CA THR B 43 -13.92 -1.53 -25.09
C THR B 43 -13.48 -2.30 -23.85
N PHE B 44 -12.56 -3.24 -23.96
CA PHE B 44 -12.08 -4.02 -22.79
C PHE B 44 -10.66 -3.57 -22.43
N ASP B 45 -10.56 -2.75 -21.39
CA ASP B 45 -9.28 -2.26 -20.82
C ASP B 45 -8.71 -3.38 -19.91
N THR B 46 -8.09 -4.37 -20.53
CA THR B 46 -7.62 -5.62 -19.85
C THR B 46 -6.51 -5.32 -18.83
N THR B 47 -5.77 -4.22 -19.00
CA THR B 47 -4.67 -3.79 -18.10
C THR B 47 -5.14 -2.73 -17.11
N PHE B 48 -6.40 -2.28 -17.22
CA PHE B 48 -7.02 -1.25 -16.36
C PHE B 48 -6.13 0.01 -16.36
N SER B 49 -5.50 0.29 -17.51
CA SER B 49 -4.64 1.49 -17.74
C SER B 49 -5.42 2.78 -17.52
N HIS B 50 -6.72 2.79 -17.82
CA HIS B 50 -7.55 4.03 -17.79
C HIS B 50 -8.46 4.03 -16.56
N PHE B 51 -8.28 3.06 -15.65
CA PHE B 51 -8.97 3.01 -14.35
C PHE B 51 -8.13 3.80 -13.34
N LYS B 52 -8.57 5.01 -13.01
CA LYS B 52 -7.90 5.95 -12.07
C LYS B 52 -8.94 6.59 -11.12
N ASN B 53 -8.46 7.28 -10.09
CA ASN B 53 -9.30 8.06 -9.13
C ASN B 53 -10.30 7.14 -8.41
N PHE B 54 -9.92 5.89 -8.16
CA PHE B 54 -10.76 4.92 -7.40
C PHE B 54 -10.44 5.04 -5.91
N ARG B 55 -11.42 4.72 -5.08
CA ARG B 55 -11.28 4.67 -3.60
C ARG B 55 -10.51 3.40 -3.23
N LEU B 56 -9.79 3.47 -2.11
CA LEU B 56 -9.04 2.33 -1.53
C LEU B 56 -9.40 2.24 -0.05
N PRO B 57 -9.27 1.06 0.58
CA PRO B 57 -9.46 0.96 2.03
C PRO B 57 -8.46 1.90 2.72
N GLY B 58 -8.88 2.58 3.79
CA GLY B 58 -8.07 3.55 4.54
C GLY B 58 -6.80 2.92 5.11
N VAL B 59 -5.82 3.75 5.48
CA VAL B 59 -4.46 3.30 5.93
C VAL B 59 -4.44 3.08 7.45
N LEU B 60 -5.37 3.68 8.21
CA LEU B 60 -5.64 3.35 9.64
C LEU B 60 -4.33 3.07 10.39
N SER B 74 -32.38 -6.45 17.83
CA SER B 74 -33.57 -7.32 17.59
C SER B 74 -33.15 -8.60 16.86
N ARG B 75 -34.03 -9.60 16.83
CA ARG B 75 -33.77 -10.93 16.20
C ARG B 75 -33.82 -10.80 14.68
N GLU B 76 -34.69 -9.92 14.16
CA GLU B 76 -34.89 -9.70 12.69
C GLU B 76 -33.64 -9.01 12.11
N GLU B 77 -33.06 -8.06 12.85
CA GLU B 77 -31.83 -7.32 12.45
C GLU B 77 -30.61 -8.27 12.54
N ALA B 78 -30.57 -9.11 13.58
CA ALA B 78 -29.52 -10.14 13.80
C ALA B 78 -29.47 -11.06 12.58
N ALA B 79 -30.63 -11.44 12.05
CA ALA B 79 -30.79 -12.30 10.85
C ALA B 79 -30.25 -11.56 9.62
N LYS B 80 -30.54 -10.26 9.48
CA LYS B 80 -30.09 -9.42 8.34
C LYS B 80 -28.55 -9.37 8.32
N TRP B 81 -27.95 -9.02 9.46
CA TRP B 81 -26.49 -8.89 9.62
C TRP B 81 -25.79 -10.21 9.32
N SER B 82 -26.31 -11.31 9.88
CA SER B 82 -25.74 -12.68 9.74
C SER B 82 -25.64 -13.06 8.26
N GLN B 83 -26.70 -12.83 7.48
CA GLN B 83 -26.75 -13.13 6.04
C GLN B 83 -25.73 -12.26 5.30
N VAL B 84 -25.68 -10.95 5.61
CA VAL B 84 -24.74 -9.99 4.95
C VAL B 84 -23.28 -10.41 5.23
N ARG B 85 -22.99 -10.89 6.45
CA ARG B 85 -21.64 -11.38 6.83
C ARG B 85 -21.25 -12.56 5.94
N LYS B 86 -22.18 -13.49 5.69
CA LYS B 86 -21.96 -14.65 4.78
C LYS B 86 -21.74 -14.14 3.36
N ASP B 87 -22.57 -13.19 2.90
CA ASP B 87 -22.51 -12.60 1.53
C ASP B 87 -21.13 -12.00 1.28
N LEU B 88 -20.57 -11.28 2.26
CA LEU B 88 -19.29 -10.54 2.14
C LEU B 88 -18.08 -11.47 2.32
N CYS B 89 -18.16 -12.43 3.25
N CYS B 89 -18.19 -12.44 3.24
CA CYS B 89 -17.06 -13.38 3.59
CA CYS B 89 -17.09 -13.38 3.61
C CYS B 89 -16.87 -14.40 2.46
C CYS B 89 -16.95 -14.49 2.56
N SER B 90 -17.89 -14.58 1.60
CA SER B 90 -17.86 -15.55 0.48
C SER B 90 -16.82 -15.12 -0.56
N LEU B 91 -16.69 -13.81 -0.81
CA LEU B 91 -15.62 -13.19 -1.65
C LEU B 91 -14.67 -12.41 -0.73
N LYS B 92 -13.75 -13.10 -0.08
CA LYS B 92 -12.62 -12.49 0.66
C LYS B 92 -11.42 -12.46 -0.29
N VAL B 93 -10.98 -11.25 -0.66
CA VAL B 93 -9.78 -11.05 -1.52
C VAL B 93 -8.80 -10.09 -0.84
N SER B 94 -7.51 -10.33 -1.06
CA SER B 94 -6.45 -9.30 -0.92
C SER B 94 -6.34 -8.53 -2.24
N LEU B 95 -5.88 -7.29 -2.16
CA LEU B 95 -5.76 -6.34 -3.28
C LEU B 95 -4.28 -6.01 -3.46
N GLN B 96 -3.78 -6.13 -4.68
CA GLN B 96 -2.40 -5.72 -5.04
C GLN B 96 -2.50 -4.58 -6.05
N LEU B 97 -1.81 -3.48 -5.75
CA LEU B 97 -1.73 -2.26 -6.57
C LEU B 97 -0.28 -2.11 -7.08
N ARG B 98 -0.10 -2.30 -8.38
CA ARG B 98 1.23 -2.24 -9.04
C ARG B 98 1.41 -0.81 -9.55
N GLY B 99 2.48 -0.14 -9.12
CA GLY B 99 2.79 1.23 -9.59
C GLY B 99 3.45 1.19 -10.95
N GLU B 100 3.32 2.26 -11.73
CA GLU B 100 4.03 2.42 -13.04
C GLU B 100 5.54 2.37 -12.79
N ASP B 101 6.00 2.75 -11.59
CA ASP B 101 7.43 2.79 -11.18
C ASP B 101 7.95 1.39 -10.83
N GLY B 102 7.09 0.36 -10.78
CA GLY B 102 7.46 -1.01 -10.39
C GLY B 102 7.24 -1.30 -8.90
N SER B 103 6.73 -0.34 -8.13
CA SER B 103 6.42 -0.50 -6.69
C SER B 103 5.15 -1.36 -6.56
N VAL B 104 4.98 -2.04 -5.42
CA VAL B 104 3.75 -2.83 -5.12
C VAL B 104 3.22 -2.47 -3.74
N TRP B 105 1.94 -2.07 -3.68
CA TRP B 105 1.13 -1.99 -2.44
C TRP B 105 0.27 -3.25 -2.37
N ASN B 106 0.29 -3.94 -1.23
CA ASN B 106 -0.60 -5.10 -0.95
C ASN B 106 -1.52 -4.74 0.21
N TYR B 107 -2.83 -4.98 0.06
CA TYR B 107 -3.84 -4.81 1.13
C TYR B 107 -4.39 -6.17 1.53
N LYS B 108 -4.15 -6.56 2.79
CA LYS B 108 -4.78 -7.75 3.41
C LYS B 108 -5.97 -7.25 4.22
N PRO B 109 -7.19 -7.78 3.97
CA PRO B 109 -8.39 -7.26 4.62
C PRO B 109 -8.40 -7.69 6.08
N PRO B 110 -9.20 -7.01 6.94
CA PRO B 110 -9.30 -7.42 8.33
C PRO B 110 -10.01 -8.77 8.46
N ALA B 111 -9.72 -9.52 9.52
CA ALA B 111 -10.55 -10.67 9.98
C ALA B 111 -11.95 -10.12 10.32
N ASP B 112 -12.99 -10.95 10.21
CA ASP B 112 -14.36 -10.59 10.68
C ASP B 112 -14.34 -10.66 12.21
N SER B 113 -14.38 -9.50 12.88
CA SER B 113 -14.53 -9.38 14.35
C SER B 113 -15.96 -8.92 14.69
N GLY B 114 -16.89 -9.13 13.76
CA GLY B 114 -18.33 -8.80 13.92
C GLY B 114 -18.60 -7.30 13.95
N GLY B 115 -17.88 -6.52 13.12
CA GLY B 115 -18.05 -5.06 13.01
C GLY B 115 -18.06 -4.57 11.58
N LYS B 116 -17.95 -3.26 11.38
CA LYS B 116 -18.04 -2.54 10.08
C LYS B 116 -16.83 -2.85 9.18
N GLU B 117 -15.79 -3.50 9.73
CA GLU B 117 -14.53 -3.82 9.01
C GLU B 117 -14.79 -4.71 7.78
N ILE B 118 -15.88 -5.49 7.80
N ILE B 118 -15.88 -5.47 7.80
CA ILE B 118 -16.28 -6.40 6.69
CA ILE B 118 -16.32 -6.40 6.72
C ILE B 118 -16.63 -5.59 5.42
C ILE B 118 -16.64 -5.59 5.45
N PHE B 119 -16.84 -4.28 5.56
CA PHE B 119 -17.27 -3.37 4.47
C PHE B 119 -16.10 -2.59 3.87
N SER B 120 -14.85 -2.85 4.30
CA SER B 120 -13.71 -1.94 4.01
C SER B 120 -13.43 -1.87 2.51
N LEU B 121 -13.70 -2.92 1.74
CA LEU B 121 -13.39 -2.95 0.28
C LEU B 121 -14.59 -2.57 -0.58
N LEU B 122 -15.77 -2.28 0.00
CA LEU B 122 -16.99 -2.03 -0.80
C LEU B 122 -16.84 -0.78 -1.67
N PRO B 123 -16.33 0.37 -1.18
CA PRO B 123 -16.13 1.54 -2.03
C PRO B 123 -15.25 1.23 -3.24
N HIS B 124 -14.11 0.56 -3.01
CA HIS B 124 -13.19 0.16 -4.09
C HIS B 124 -13.93 -0.72 -5.10
N MET B 125 -14.64 -1.74 -4.60
N MET B 125 -14.61 -1.76 -4.61
CA MET B 125 -15.34 -2.73 -5.45
CA MET B 125 -15.33 -2.75 -5.46
C MET B 125 -16.43 -2.00 -6.26
C MET B 125 -16.45 -2.04 -6.23
N ALA B 126 -17.11 -1.02 -5.64
CA ALA B 126 -18.12 -0.20 -6.34
C ALA B 126 -17.45 0.58 -7.49
N ASP B 127 -16.29 1.19 -7.24
CA ASP B 127 -15.57 1.97 -8.28
C ASP B 127 -15.11 1.05 -9.41
N MET B 128 -14.54 -0.10 -9.08
CA MET B 128 -14.03 -1.06 -10.09
CA MET B 128 -14.02 -1.06 -10.11
C MET B 128 -15.20 -1.62 -10.91
N SER B 129 -16.29 -1.99 -10.23
CA SER B 129 -17.54 -2.52 -10.88
C SER B 129 -18.08 -1.48 -11.87
N THR B 130 -18.15 -0.22 -11.45
CA THR B 130 -18.69 0.89 -12.25
C THR B 130 -17.83 1.03 -13.51
N TYR B 131 -16.51 0.98 -13.37
CA TYR B 131 -15.57 1.06 -14.51
C TYR B 131 -15.81 -0.09 -15.49
N MET B 132 -15.94 -1.31 -14.98
CA MET B 132 -16.23 -2.52 -15.81
C MET B 132 -17.59 -2.35 -16.51
N PHE B 133 -18.62 -1.87 -15.81
CA PHE B 133 -19.97 -1.67 -16.39
C PHE B 133 -19.89 -0.68 -17.56
N LYS B 134 -19.13 0.39 -17.42
CA LYS B 134 -18.93 1.39 -18.50
C LYS B 134 -18.30 0.72 -19.73
N GLY B 135 -17.33 -0.19 -19.53
CA GLY B 135 -16.72 -0.94 -20.65
C GLY B 135 -17.74 -1.82 -21.36
N ILE B 136 -18.65 -2.44 -20.61
CA ILE B 136 -19.72 -3.33 -21.13
C ILE B 136 -20.75 -2.50 -21.92
N ILE B 137 -21.11 -1.32 -21.40
CA ILE B 137 -22.01 -0.38 -22.11
C ILE B 137 -21.36 0.03 -23.44
N SER B 138 -20.07 0.35 -23.43
CA SER B 138 -19.32 0.72 -24.66
C SER B 138 -19.29 -0.46 -25.64
N PHE B 139 -19.06 -1.68 -25.14
CA PHE B 139 -19.09 -2.93 -25.95
C PHE B 139 -20.42 -3.03 -26.71
N ALA B 140 -21.53 -2.95 -25.99
CA ALA B 140 -22.89 -3.08 -26.57
C ALA B 140 -23.10 -2.00 -27.64
N LYS B 141 -22.69 -0.77 -27.36
CA LYS B 141 -22.91 0.38 -28.28
C LYS B 141 -22.22 0.17 -29.64
N VAL B 142 -21.08 -0.52 -29.71
CA VAL B 142 -20.33 -0.66 -30.99
C VAL B 142 -20.98 -1.77 -31.84
N ILE B 143 -21.85 -2.59 -31.28
CA ILE B 143 -22.51 -3.70 -32.03
C ILE B 143 -23.71 -3.12 -32.80
N SER B 144 -23.68 -3.21 -34.14
CA SER B 144 -24.74 -2.71 -35.06
C SER B 144 -26.12 -3.16 -34.59
N TYR B 145 -26.28 -4.46 -34.33
CA TYR B 145 -27.58 -5.10 -33.96
C TYR B 145 -28.13 -4.48 -32.67
N PHE B 146 -27.25 -4.06 -31.77
CA PHE B 146 -27.66 -3.46 -30.47
C PHE B 146 -28.07 -1.99 -30.68
N ARG B 147 -27.24 -1.20 -31.33
CA ARG B 147 -27.53 0.26 -31.45
C ARG B 147 -28.80 0.46 -32.30
N ASP B 148 -29.16 -0.51 -33.15
CA ASP B 148 -30.38 -0.42 -34.01
C ASP B 148 -31.64 -0.73 -33.18
N LEU B 149 -31.53 -1.21 -31.94
CA LEU B 149 -32.71 -1.47 -31.07
C LEU B 149 -33.22 -0.15 -30.50
N PRO B 150 -34.51 -0.06 -30.12
CA PRO B 150 -35.03 1.12 -29.43
C PRO B 150 -34.25 1.34 -28.12
N ILE B 151 -34.06 2.60 -27.73
CA ILE B 151 -33.24 3.03 -26.57
C ILE B 151 -33.70 2.30 -25.30
N GLU B 152 -35.02 2.14 -25.11
N GLU B 152 -35.02 2.17 -25.07
CA GLU B 152 -35.61 1.51 -23.90
CA GLU B 152 -35.56 1.50 -23.85
C GLU B 152 -35.18 0.03 -23.85
C GLU B 152 -35.15 0.02 -23.83
N ASP B 153 -35.12 -0.65 -25.00
CA ASP B 153 -34.66 -2.06 -25.09
C ASP B 153 -33.16 -2.13 -24.84
N GLN B 154 -32.37 -1.18 -25.34
CA GLN B 154 -30.91 -1.08 -25.02
C GLN B 154 -30.74 -1.00 -23.50
N ILE B 155 -31.55 -0.17 -22.83
CA ILE B 155 -31.49 0.00 -21.35
C ILE B 155 -31.86 -1.33 -20.68
N SER B 156 -32.95 -1.96 -21.11
CA SER B 156 -33.47 -3.22 -20.50
C SER B 156 -32.42 -4.34 -20.63
N LEU B 157 -31.80 -4.46 -21.80
CA LEU B 157 -30.80 -5.54 -22.07
C LEU B 157 -29.55 -5.29 -21.23
N LEU B 158 -29.10 -4.04 -21.09
CA LEU B 158 -27.88 -3.74 -20.29
C LEU B 158 -28.17 -3.96 -18.80
N LYS B 159 -29.35 -3.59 -18.31
CA LYS B 159 -29.76 -3.85 -16.90
C LYS B 159 -29.74 -5.37 -16.67
N GLY B 160 -30.28 -6.13 -17.62
CA GLY B 160 -30.36 -7.59 -17.55
C GLY B 160 -29.00 -8.27 -17.54
N ALA B 161 -28.04 -7.78 -18.34
CA ALA B 161 -26.81 -8.52 -18.70
C ALA B 161 -25.53 -7.95 -18.05
N ALA B 162 -25.57 -6.75 -17.45
CA ALA B 162 -24.34 -6.01 -17.06
C ALA B 162 -23.42 -6.90 -16.20
N PHE B 163 -23.97 -7.51 -15.16
CA PHE B 163 -23.22 -8.39 -14.24
C PHE B 163 -22.68 -9.60 -15.01
N GLU B 164 -23.49 -10.21 -15.86
CA GLU B 164 -23.09 -11.43 -16.61
C GLU B 164 -21.89 -11.09 -17.51
N LEU B 165 -21.96 -10.00 -18.26
CA LEU B 165 -20.86 -9.64 -19.19
C LEU B 165 -19.61 -9.28 -18.39
N CYS B 166 -19.76 -8.62 -17.24
CA CYS B 166 -18.63 -8.29 -16.35
CA CYS B 166 -18.60 -8.28 -16.37
C CYS B 166 -17.93 -9.58 -15.90
N GLN B 167 -18.70 -10.58 -15.49
CA GLN B 167 -18.14 -11.86 -15.00
C GLN B 167 -17.46 -12.59 -16.16
N LEU B 168 -18.02 -12.55 -17.36
CA LEU B 168 -17.37 -13.23 -18.52
C LEU B 168 -16.04 -12.55 -18.81
N ARG B 169 -15.99 -11.21 -18.80
CA ARG B 169 -14.70 -10.49 -18.98
C ARG B 169 -13.73 -10.83 -17.84
N PHE B 170 -14.20 -10.86 -16.60
CA PHE B 170 -13.31 -11.18 -15.45
C PHE B 170 -12.73 -12.59 -15.61
N ASN B 171 -13.50 -13.54 -16.13
CA ASN B 171 -13.00 -14.93 -16.30
C ASN B 171 -11.76 -14.92 -17.18
N THR B 172 -11.68 -14.04 -18.17
CA THR B 172 -10.54 -13.99 -19.13
C THR B 172 -9.25 -13.54 -18.44
N VAL B 173 -9.34 -12.88 -17.28
CA VAL B 173 -8.12 -12.43 -16.53
C VAL B 173 -7.98 -13.26 -15.25
N PHE B 174 -8.80 -14.30 -15.07
CA PHE B 174 -8.74 -15.19 -13.90
C PHE B 174 -7.61 -16.20 -14.06
N ASN B 175 -6.73 -16.26 -13.06
CA ASN B 175 -5.64 -17.25 -12.94
C ASN B 175 -6.14 -18.33 -11.98
N ALA B 176 -6.56 -19.48 -12.51
CA ALA B 176 -7.14 -20.59 -11.72
C ALA B 176 -6.05 -21.21 -10.81
N GLU B 177 -4.78 -21.11 -11.19
CA GLU B 177 -3.65 -21.72 -10.42
C GLU B 177 -3.42 -20.92 -9.13
N THR B 178 -3.63 -19.60 -9.13
CA THR B 178 -3.34 -18.70 -8.00
C THR B 178 -4.61 -18.13 -7.39
N GLY B 179 -5.80 -18.41 -7.96
CA GLY B 179 -7.08 -17.84 -7.51
C GLY B 179 -7.05 -16.31 -7.56
N THR B 180 -6.46 -15.74 -8.62
CA THR B 180 -6.23 -14.28 -8.75
C THR B 180 -6.88 -13.77 -10.04
N TRP B 181 -7.65 -12.70 -9.94
CA TRP B 181 -8.06 -11.87 -11.11
C TRP B 181 -6.96 -10.84 -11.35
N GLU B 182 -6.21 -11.01 -12.45
CA GLU B 182 -5.02 -10.20 -12.80
C GLU B 182 -5.46 -9.05 -13.71
N CYS B 183 -5.67 -7.86 -13.15
CA CYS B 183 -6.22 -6.69 -13.88
C CYS B 183 -5.13 -5.63 -14.06
N GLY B 184 -3.92 -5.98 -14.48
CA GLY B 184 -2.83 -5.02 -14.77
C GLY B 184 -2.40 -4.23 -13.55
N ARG B 185 -2.95 -3.03 -13.30
CA ARG B 185 -2.56 -2.16 -12.15
C ARG B 185 -3.27 -2.62 -10.87
N LEU B 186 -4.22 -3.56 -10.98
CA LEU B 186 -4.87 -4.18 -9.81
C LEU B 186 -4.88 -5.71 -9.98
N SER B 187 -4.67 -6.42 -8.88
CA SER B 187 -4.85 -7.88 -8.75
C SER B 187 -5.74 -8.14 -7.53
N TYR B 188 -6.66 -9.10 -7.64
CA TYR B 188 -7.57 -9.52 -6.55
C TYR B 188 -7.33 -11.01 -6.30
N CYS B 189 -6.81 -11.36 -5.14
CA CYS B 189 -6.38 -12.74 -4.80
C CYS B 189 -7.28 -13.32 -3.70
N LEU B 190 -7.95 -14.44 -3.98
CA LEU B 190 -8.79 -15.19 -3.01
C LEU B 190 -7.96 -15.46 -1.73
N GLU B 191 -8.50 -15.09 -0.58
CA GLU B 191 -7.94 -15.45 0.75
C GLU B 191 -8.30 -16.91 1.05
N ASP B 192 -7.41 -17.66 1.71
CA ASP B 192 -7.70 -19.04 2.18
C ASP B 192 -8.81 -19.00 3.25
N THR B 193 -9.76 -19.93 3.18
CA THR B 193 -10.71 -20.28 4.26
C THR B 193 -10.30 -21.63 4.85
N ALA B 194 -10.91 -22.03 5.98
CA ALA B 194 -10.53 -23.22 6.78
C ALA B 194 -10.67 -24.51 5.96
N GLY B 195 -11.62 -24.55 5.03
CA GLY B 195 -11.95 -25.76 4.23
C GLY B 195 -11.16 -25.84 2.93
N GLY B 196 -10.29 -24.86 2.66
CA GLY B 196 -9.45 -24.80 1.45
C GLY B 196 -10.29 -24.67 0.18
N PHE B 197 -9.81 -25.27 -0.92
CA PHE B 197 -10.37 -25.16 -2.29
C PHE B 197 -11.80 -25.73 -2.34
N GLN B 198 -12.08 -26.76 -1.54
CA GLN B 198 -13.39 -27.48 -1.51
C GLN B 198 -14.48 -26.58 -0.91
N GLN B 199 -14.12 -25.72 0.06
CA GLN B 199 -15.04 -24.72 0.67
C GLN B 199 -15.34 -23.62 -0.36
N LEU B 200 -14.32 -23.13 -1.07
CA LEU B 200 -14.46 -22.05 -2.09
C LEU B 200 -15.43 -22.50 -3.19
N LEU B 201 -15.35 -23.76 -3.63
CA LEU B 201 -16.15 -24.31 -4.75
C LEU B 201 -17.64 -24.40 -4.37
N LEU B 202 -17.97 -24.26 -3.08
CA LEU B 202 -19.39 -24.21 -2.63
C LEU B 202 -19.99 -22.85 -2.97
N GLU B 203 -19.16 -21.82 -3.20
CA GLU B 203 -19.64 -20.48 -3.61
C GLU B 203 -19.90 -20.53 -5.12
N PRO B 204 -21.16 -20.43 -5.58
CA PRO B 204 -21.46 -20.61 -7.00
C PRO B 204 -20.64 -19.71 -7.94
N MET B 205 -20.39 -18.47 -7.56
CA MET B 205 -19.61 -17.52 -8.41
C MET B 205 -18.18 -18.03 -8.58
N LEU B 206 -17.57 -18.57 -7.53
CA LEU B 206 -16.16 -19.06 -7.59
C LEU B 206 -16.12 -20.34 -8.40
N LYS B 207 -17.05 -21.26 -8.16
CA LYS B 207 -17.17 -22.52 -8.92
C LYS B 207 -17.32 -22.20 -10.41
N PHE B 208 -18.15 -21.20 -10.73
CA PHE B 208 -18.37 -20.74 -12.12
C PHE B 208 -17.03 -20.35 -12.76
N HIS B 209 -16.22 -19.52 -12.09
CA HIS B 209 -14.94 -19.05 -12.65
C HIS B 209 -14.00 -20.23 -12.89
N TYR B 210 -13.92 -21.17 -11.94
CA TYR B 210 -13.02 -22.34 -12.07
C TYR B 210 -13.51 -23.20 -13.24
N MET B 211 -14.81 -23.48 -13.32
CA MET B 211 -15.39 -24.39 -14.35
C MET B 211 -15.26 -23.76 -15.74
N LEU B 212 -15.53 -22.45 -15.86
CA LEU B 212 -15.43 -21.78 -17.19
C LEU B 212 -13.96 -21.74 -17.63
N LYS B 213 -13.03 -21.46 -16.73
CA LYS B 213 -11.59 -21.38 -17.08
C LYS B 213 -11.15 -22.74 -17.62
N LYS B 214 -11.65 -23.84 -17.05
CA LYS B 214 -11.20 -25.21 -17.40
C LYS B 214 -11.63 -25.55 -18.85
N LEU B 215 -12.63 -24.87 -19.40
CA LEU B 215 -13.07 -25.12 -20.81
C LEU B 215 -12.04 -24.56 -21.81
N GLN B 216 -11.12 -23.69 -21.38
CA GLN B 216 -10.01 -23.14 -22.23
C GLN B 216 -10.60 -22.52 -23.50
N LEU B 217 -11.55 -21.60 -23.34
CA LEU B 217 -12.26 -20.97 -24.46
C LEU B 217 -11.34 -20.01 -25.21
N HIS B 218 -11.61 -19.86 -26.51
CA HIS B 218 -11.00 -18.83 -27.39
C HIS B 218 -11.62 -17.48 -27.07
N GLU B 219 -10.91 -16.39 -27.38
CA GLU B 219 -11.47 -15.02 -27.35
C GLU B 219 -12.84 -15.03 -28.07
N GLU B 220 -12.94 -15.68 -29.23
CA GLU B 220 -14.16 -15.69 -30.08
C GLU B 220 -15.33 -16.31 -29.30
N GLU B 221 -15.08 -17.37 -28.55
CA GLU B 221 -16.12 -18.09 -27.77
C GLU B 221 -16.57 -17.20 -26.62
N TYR B 222 -15.66 -16.51 -25.94
CA TYR B 222 -16.03 -15.55 -24.87
C TYR B 222 -16.91 -14.44 -25.45
N VAL B 223 -16.55 -13.84 -26.59
CA VAL B 223 -17.32 -12.66 -27.11
CA VAL B 223 -17.32 -12.67 -27.10
C VAL B 223 -18.70 -13.14 -27.57
N LEU B 224 -18.79 -14.35 -28.11
CA LEU B 224 -20.11 -14.90 -28.53
C LEU B 224 -20.94 -15.19 -27.29
N MET B 225 -20.33 -15.63 -26.17
CA MET B 225 -21.05 -15.82 -24.89
C MET B 225 -21.60 -14.46 -24.44
N GLN B 226 -20.80 -13.41 -24.56
CA GLN B 226 -21.21 -12.03 -24.20
C GLN B 226 -22.41 -11.63 -25.05
N ALA B 227 -22.38 -11.89 -26.36
CA ALA B 227 -23.48 -11.54 -27.29
C ALA B 227 -24.75 -12.31 -26.93
N ILE B 228 -24.64 -13.61 -26.62
CA ILE B 228 -25.81 -14.46 -26.27
C ILE B 228 -26.44 -13.95 -24.96
N SER B 229 -25.62 -13.60 -23.96
CA SER B 229 -26.07 -13.00 -22.68
C SER B 229 -26.75 -11.65 -22.95
N LEU B 230 -26.10 -10.77 -23.71
CA LEU B 230 -26.60 -9.40 -23.95
C LEU B 230 -27.97 -9.45 -24.65
N PHE B 231 -28.11 -10.27 -25.69
CA PHE B 231 -29.33 -10.36 -26.52
C PHE B 231 -30.26 -11.44 -25.96
N SER B 232 -30.65 -11.30 -24.70
CA SER B 232 -31.59 -12.21 -23.99
C SER B 232 -32.99 -11.63 -24.08
N PRO B 233 -33.92 -12.27 -24.83
CA PRO B 233 -35.24 -11.70 -25.05
C PRO B 233 -36.12 -11.62 -23.79
N ASP B 234 -35.76 -12.37 -22.74
CA ASP B 234 -36.63 -12.59 -21.54
C ASP B 234 -36.19 -11.70 -20.38
N ARG B 235 -35.33 -10.69 -20.61
CA ARG B 235 -34.97 -9.72 -19.54
C ARG B 235 -36.20 -8.89 -19.20
N PRO B 236 -36.39 -8.49 -17.93
CA PRO B 236 -37.51 -7.62 -17.58
C PRO B 236 -37.54 -6.35 -18.45
N GLY B 237 -38.71 -6.05 -19.05
CA GLY B 237 -39.01 -4.77 -19.69
C GLY B 237 -38.74 -4.77 -21.19
N VAL B 238 -38.20 -5.86 -21.76
CA VAL B 238 -37.87 -5.91 -23.21
C VAL B 238 -39.18 -5.93 -24.01
N LEU B 239 -39.27 -5.06 -25.02
CA LEU B 239 -40.47 -4.93 -25.90
C LEU B 239 -40.24 -5.68 -27.21
N GLN B 240 -39.10 -5.50 -27.86
CA GLN B 240 -38.79 -6.17 -29.16
C GLN B 240 -38.26 -7.59 -28.89
N HIS B 241 -39.00 -8.38 -28.11
CA HIS B 241 -38.61 -9.74 -27.67
C HIS B 241 -38.38 -10.65 -28.89
N ARG B 242 -39.13 -10.50 -29.97
CA ARG B 242 -39.05 -11.37 -31.17
C ARG B 242 -37.73 -11.10 -31.90
N VAL B 243 -37.40 -9.82 -32.12
CA VAL B 243 -36.14 -9.39 -32.79
C VAL B 243 -34.94 -9.86 -31.95
N VAL B 244 -35.01 -9.66 -30.62
CA VAL B 244 -33.88 -10.02 -29.70
C VAL B 244 -33.71 -11.54 -29.72
N ASP B 245 -34.83 -12.28 -29.68
CA ASP B 245 -34.83 -13.76 -29.72
C ASP B 245 -34.12 -14.23 -31.00
N GLN B 246 -34.43 -13.62 -32.15
CA GLN B 246 -33.85 -14.00 -33.46
C GLN B 246 -32.34 -13.70 -33.48
N LEU B 247 -31.93 -12.54 -32.95
CA LEU B 247 -30.49 -12.20 -32.83
C LEU B 247 -29.79 -13.22 -31.93
N GLN B 248 -30.37 -13.55 -30.78
CA GLN B 248 -29.75 -14.50 -29.82
C GLN B 248 -29.55 -15.84 -30.52
N GLU B 249 -30.57 -16.33 -31.24
CA GLU B 249 -30.49 -17.62 -31.95
C GLU B 249 -29.32 -17.59 -32.94
N GLN B 250 -29.14 -16.48 -33.68
CA GLN B 250 -28.08 -16.40 -34.72
C GLN B 250 -26.69 -16.38 -34.05
N PHE B 251 -26.54 -15.71 -32.90
CA PHE B 251 -25.25 -15.73 -32.15
C PHE B 251 -24.96 -17.16 -31.68
N ALA B 252 -25.97 -17.87 -31.17
CA ALA B 252 -25.80 -19.26 -30.71
C ALA B 252 -25.41 -20.17 -31.88
N ILE B 253 -26.07 -20.02 -33.03
CA ILE B 253 -25.74 -20.83 -34.25
C ILE B 253 -24.30 -20.52 -34.68
N THR B 254 -23.89 -19.25 -34.64
CA THR B 254 -22.51 -18.82 -35.00
C THR B 254 -21.51 -19.49 -34.05
N LEU B 255 -21.80 -19.52 -32.76
CA LEU B 255 -20.91 -20.16 -31.75
C LEU B 255 -20.79 -21.65 -32.06
N LYS B 256 -21.92 -22.33 -32.25
CA LYS B 256 -21.96 -23.79 -32.56
C LYS B 256 -21.09 -24.06 -33.80
N SER B 257 -21.26 -23.26 -34.85
CA SER B 257 -20.52 -23.38 -36.15
C SER B 257 -19.03 -23.09 -35.94
N TYR B 258 -18.70 -22.04 -35.18
CA TYR B 258 -17.30 -21.67 -34.86
C TYR B 258 -16.62 -22.87 -34.22
N ILE B 259 -17.27 -23.50 -33.24
CA ILE B 259 -16.69 -24.65 -32.49
C ILE B 259 -16.48 -25.81 -33.46
N GLU B 260 -17.46 -26.10 -34.31
CA GLU B 260 -17.37 -27.23 -35.27
C GLU B 260 -16.22 -26.99 -36.26
N CYS B 261 -15.96 -25.76 -36.69
CA CYS B 261 -15.01 -25.40 -37.78
CA CYS B 261 -14.99 -25.53 -37.78
C CYS B 261 -13.62 -25.06 -37.24
N ASN B 262 -13.45 -24.98 -35.90
CA ASN B 262 -12.14 -24.61 -35.27
C ASN B 262 -11.71 -25.56 -34.14
N ARG B 263 -12.44 -26.63 -33.82
CA ARG B 263 -12.01 -27.59 -32.75
C ARG B 263 -12.42 -29.04 -33.00
N PRO B 264 -11.50 -29.94 -33.43
CA PRO B 264 -11.82 -31.35 -33.67
C PRO B 264 -11.57 -32.43 -32.59
N GLN B 265 -11.24 -32.04 -31.35
CA GLN B 265 -10.58 -32.92 -30.35
C GLN B 265 -11.63 -33.48 -29.38
N PRO B 266 -11.48 -34.76 -28.95
CA PRO B 266 -12.39 -35.38 -27.98
C PRO B 266 -12.38 -34.59 -26.67
N ALA B 267 -11.27 -33.87 -26.42
CA ALA B 267 -11.13 -32.90 -25.32
C ALA B 267 -12.36 -32.00 -25.25
N HIS B 268 -12.95 -31.61 -26.38
CA HIS B 268 -14.02 -30.58 -26.52
CA HIS B 268 -14.13 -30.72 -26.26
C HIS B 268 -15.31 -31.20 -27.09
N ARG B 269 -15.56 -32.49 -26.88
CA ARG B 269 -16.92 -33.04 -27.13
C ARG B 269 -17.94 -32.28 -26.27
N PHE B 270 -19.04 -31.87 -26.89
CA PHE B 270 -20.21 -31.23 -26.22
C PHE B 270 -19.86 -29.81 -25.78
N LEU B 271 -18.78 -29.21 -26.32
CA LEU B 271 -18.32 -27.87 -25.85
C LEU B 271 -19.45 -26.85 -26.00
N PHE B 272 -20.11 -26.80 -27.15
CA PHE B 272 -21.23 -25.83 -27.35
C PHE B 272 -22.26 -25.98 -26.23
N LEU B 273 -22.69 -27.22 -25.94
CA LEU B 273 -23.75 -27.45 -24.92
C LEU B 273 -23.23 -27.09 -23.53
N LYS B 274 -21.94 -27.31 -23.25
CA LYS B 274 -21.31 -26.93 -21.96
C LYS B 274 -21.37 -25.42 -21.82
N ILE B 275 -21.05 -24.69 -22.89
CA ILE B 275 -21.05 -23.19 -22.86
C ILE B 275 -22.48 -22.71 -22.60
N MET B 276 -23.47 -23.29 -23.28
CA MET B 276 -24.87 -22.85 -23.11
C MET B 276 -25.32 -23.15 -21.68
N ALA B 277 -24.90 -24.28 -21.11
CA ALA B 277 -25.23 -24.65 -19.71
C ALA B 277 -24.58 -23.63 -18.75
N MET B 278 -23.37 -23.16 -19.08
CA MET B 278 -22.63 -22.21 -18.23
C MET B 278 -23.35 -20.84 -18.28
N LEU B 279 -23.94 -20.47 -19.42
CA LEU B 279 -24.73 -19.22 -19.54
C LEU B 279 -26.01 -19.31 -18.71
N THR B 280 -26.67 -20.48 -18.68
CA THR B 280 -27.86 -20.71 -17.81
C THR B 280 -27.45 -20.58 -16.33
N GLU B 281 -26.33 -21.17 -15.94
CA GLU B 281 -25.79 -21.07 -14.56
C GLU B 281 -25.52 -19.60 -14.23
N LEU B 282 -24.89 -18.87 -15.15
CA LEU B 282 -24.52 -17.45 -14.91
C LEU B 282 -25.79 -16.60 -14.71
N ARG B 283 -26.87 -16.91 -15.40
CA ARG B 283 -28.19 -16.23 -15.21
C ARG B 283 -28.67 -16.45 -13.77
N SER B 284 -28.54 -17.67 -13.24
CA SER B 284 -28.90 -18.00 -11.84
C SER B 284 -28.03 -17.21 -10.86
N ILE B 285 -26.71 -17.20 -11.07
CA ILE B 285 -25.73 -16.44 -10.22
C ILE B 285 -26.07 -14.94 -10.26
N ASN B 286 -26.44 -14.42 -11.42
CA ASN B 286 -26.89 -13.02 -11.63
C ASN B 286 -28.04 -12.68 -10.66
N ALA B 287 -29.10 -13.50 -10.64
CA ALA B 287 -30.27 -13.33 -9.75
C ALA B 287 -29.82 -13.33 -8.28
N GLN B 288 -28.96 -14.27 -7.88
CA GLN B 288 -28.44 -14.41 -6.50
C GLN B 288 -27.58 -13.17 -6.15
N HIS B 289 -26.79 -12.65 -7.08
CA HIS B 289 -25.92 -11.46 -6.88
C HIS B 289 -26.77 -10.21 -6.64
N THR B 290 -27.83 -10.00 -7.43
CA THR B 290 -28.76 -8.85 -7.26
C THR B 290 -29.31 -8.86 -5.82
N GLN B 291 -29.71 -10.03 -5.32
CA GLN B 291 -30.30 -10.17 -3.96
C GLN B 291 -29.22 -9.86 -2.91
N ARG B 292 -27.99 -10.33 -3.11
CA ARG B 292 -26.83 -10.05 -2.22
C ARG B 292 -26.60 -8.55 -2.15
N LEU B 293 -26.51 -7.91 -3.32
CA LEU B 293 -26.21 -6.46 -3.44
C LEU B 293 -27.27 -5.68 -2.65
N LEU B 294 -28.55 -6.00 -2.84
CA LEU B 294 -29.70 -5.28 -2.22
C LEU B 294 -29.66 -5.43 -0.69
N ARG B 295 -29.34 -6.63 -0.17
CA ARG B 295 -29.19 -6.89 1.29
C ARG B 295 -28.07 -6.00 1.84
N ILE B 296 -26.91 -5.97 1.18
CA ILE B 296 -25.72 -5.19 1.65
C ILE B 296 -26.06 -3.71 1.61
N GLN B 297 -26.60 -3.24 0.49
CA GLN B 297 -26.96 -1.82 0.24
C GLN B 297 -27.91 -1.36 1.36
N ASP B 298 -28.82 -2.24 1.79
CA ASP B 298 -29.90 -1.95 2.78
C ASP B 298 -29.26 -1.52 4.11
N ILE B 299 -28.21 -2.21 4.57
CA ILE B 299 -27.58 -1.91 5.89
C ILE B 299 -26.30 -1.08 5.69
N HIS B 300 -25.67 -1.10 4.52
CA HIS B 300 -24.43 -0.32 4.26
C HIS B 300 -24.40 0.19 2.82
N PRO B 301 -25.03 1.36 2.53
CA PRO B 301 -25.06 1.91 1.17
C PRO B 301 -23.65 2.05 0.60
N PHE B 302 -23.44 1.58 -0.63
CA PHE B 302 -22.13 1.69 -1.33
C PHE B 302 -22.28 1.80 -2.86
N ALA B 303 -23.45 1.51 -3.43
CA ALA B 303 -23.65 1.51 -4.90
C ALA B 303 -23.43 2.92 -5.45
N THR B 304 -22.69 3.03 -6.56
CA THR B 304 -22.51 4.30 -7.30
C THR B 304 -23.83 4.63 -7.99
N PRO B 305 -24.02 5.88 -8.47
CA PRO B 305 -25.22 6.21 -9.24
C PRO B 305 -25.48 5.27 -10.43
N LEU B 306 -24.45 4.91 -11.20
CA LEU B 306 -24.64 4.00 -12.38
C LEU B 306 -25.08 2.62 -11.88
N MET B 307 -24.48 2.11 -10.81
CA MET B 307 -24.91 0.83 -10.18
C MET B 307 -26.38 0.92 -9.72
N GLN B 308 -26.79 2.05 -9.15
CA GLN B 308 -28.19 2.24 -8.68
C GLN B 308 -29.15 2.07 -9.87
N GLU B 309 -28.80 2.63 -11.03
CA GLU B 309 -29.60 2.53 -12.28
C GLU B 309 -29.64 1.08 -12.74
N LEU B 310 -28.48 0.43 -12.86
CA LEU B 310 -28.36 -0.92 -13.46
C LEU B 310 -29.13 -1.95 -12.61
N PHE B 311 -29.16 -1.78 -11.28
CA PHE B 311 -29.67 -2.78 -10.32
C PHE B 311 -30.99 -2.31 -9.70
N GLY B 312 -31.51 -1.15 -10.10
CA GLY B 312 -32.86 -0.68 -9.75
C GLY B 312 -32.98 -0.16 -8.33
N ILE B 313 -31.91 0.49 -7.81
CA ILE B 313 -31.86 1.09 -6.44
C ILE B 313 -32.30 2.55 -6.52
N SER B 326 -40.63 6.56 -19.39
CA SER B 326 -40.27 6.64 -17.95
C SER B 326 -38.91 5.99 -17.71
N LEU B 327 -38.62 4.87 -18.39
CA LEU B 327 -37.33 4.14 -18.32
C LEU B 327 -36.14 5.10 -18.45
N THR B 328 -36.17 6.01 -19.43
CA THR B 328 -35.03 6.94 -19.68
C THR B 328 -34.92 7.92 -18.50
N GLU B 329 -36.04 8.41 -17.95
CA GLU B 329 -36.08 9.36 -16.80
C GLU B 329 -35.43 8.72 -15.56
N ARG B 330 -35.62 7.40 -15.36
CA ARG B 330 -35.14 6.66 -14.18
C ARG B 330 -33.74 6.08 -14.44
N HIS B 331 -33.19 6.29 -15.64
CA HIS B 331 -31.86 5.76 -16.05
C HIS B 331 -31.12 6.83 -16.84
N LYS B 332 -30.95 8.02 -16.23
CA LYS B 332 -30.40 9.24 -16.87
C LYS B 332 -28.97 8.99 -17.34
N ILE B 333 -28.18 8.29 -16.52
CA ILE B 333 -26.75 8.02 -16.81
C ILE B 333 -26.68 7.08 -18.02
N LEU B 334 -27.42 5.97 -17.96
CA LEU B 334 -27.45 4.96 -19.06
C LEU B 334 -27.91 5.66 -20.35
N HIS B 335 -28.98 6.45 -20.27
CA HIS B 335 -29.55 7.18 -21.43
C HIS B 335 -28.45 8.05 -22.07
N ARG B 336 -27.73 8.83 -21.25
CA ARG B 336 -26.64 9.70 -21.72
C ARG B 336 -25.56 8.84 -22.38
N LEU B 337 -25.09 7.78 -21.72
CA LEU B 337 -23.98 6.94 -22.24
C LEU B 337 -24.39 6.31 -23.57
N LEU B 338 -25.65 5.90 -23.72
CA LEU B 338 -26.13 5.24 -24.95
C LEU B 338 -26.28 6.25 -26.10
N GLN B 339 -26.52 7.52 -25.79
CA GLN B 339 -26.67 8.58 -26.84
C GLN B 339 -25.29 9.10 -27.25
N GLU B 340 -24.28 8.97 -26.40
CA GLU B 340 -22.90 9.44 -26.69
C GLU B 340 -22.30 8.58 -27.81
N GLY B 341 -21.48 9.20 -28.67
CA GLY B 341 -20.68 8.51 -29.70
C GLY B 341 -19.56 7.73 -29.05
N SER B 342 -19.13 6.65 -29.71
CA SER B 342 -17.91 5.88 -29.37
C SER B 342 -16.69 6.75 -29.63
N PRO B 343 -15.64 6.71 -28.78
CA PRO B 343 -14.48 7.60 -28.91
C PRO B 343 -13.46 7.12 -29.95
C1 GOL C . 33.43 -3.62 19.24
O1 GOL C . 34.25 -2.47 19.46
C2 GOL C . 32.05 -3.46 19.86
O2 GOL C . 32.02 -2.31 20.72
C3 GOL C . 31.61 -4.68 20.63
O3 GOL C . 30.20 -4.66 20.89
C1 GOL D . 32.36 9.07 22.46
O1 GOL D . 32.91 7.76 22.64
C2 GOL D . 33.29 9.96 21.68
O2 GOL D . 34.20 10.60 22.58
C3 GOL D . 32.56 11.00 20.86
O3 GOL D . 31.68 11.78 21.67
C1 MPD E . 18.35 3.28 10.01
C2 MPD E . 17.04 3.95 9.65
O2 MPD E . 16.98 5.21 10.36
CM MPD E . 16.98 4.28 8.17
C3 MPD E . 15.84 3.11 10.10
C4 MPD E . 14.49 3.66 9.66
O4 MPD E . 14.11 3.03 8.43
C5 MPD E . 13.40 3.48 10.68
P PO4 F . 14.85 -1.84 25.76
O1 PO4 F . 13.53 -1.49 25.09
O2 PO4 F . 15.70 -0.59 25.89
O3 PO4 F . 15.58 -2.88 24.91
O4 PO4 F . 14.60 -2.43 27.14
S DMS G . -2.47 3.83 0.02
O DMS G . -1.41 4.88 -0.21
C1 DMS G . -2.38 2.75 -1.38
C2 DMS G . -1.81 2.73 1.23
C1 MPD H . -22.14 -27.74 -15.38
C2 MPD H . -22.22 -28.40 -16.74
O2 MPD H . -21.85 -29.79 -16.59
CM MPD H . -23.65 -28.40 -17.27
C3 MPD H . -21.24 -27.76 -17.74
C4 MPD H . -19.77 -28.00 -17.42
O4 MPD H . -19.36 -29.21 -18.05
C5 MPD H . -18.86 -26.89 -17.85
C4 N6H I . -21.00 -11.05 -5.14
C6 N6H I . -19.25 -12.84 -5.19
C7 N6H I . -18.09 -13.44 -5.70
C8 N6H I . -17.43 -12.84 -6.78
C10 N6H I . -16.14 -12.26 -8.40
N12 N6H I . -15.15 -12.31 -9.27
C13 N6H I . -14.86 -11.23 -10.20
C15 N6H I . -13.76 -10.26 -8.14
C17 N6H I . -12.04 -8.59 -8.34
C22 N6H I . -17.84 -14.92 -3.81
C24 N6H I . -19.82 -8.96 -4.59
C28 N6H I . -22.27 -9.27 -4.04
C25 N6H I . -19.66 -8.46 -3.15
C29 N6H I . -18.45 -7.52 -3.04
C30 N6H I . -19.49 -9.65 -2.19
O26 N6H I . -20.83 -7.71 -2.73
C27 N6H I . -22.00 -7.83 -3.58
N23 N6H I . -21.03 -9.82 -4.64
O5 N6H I . -22.02 -11.74 -5.13
C3 N6H I . -19.73 -11.65 -5.75
C2 N6H I . -19.07 -11.06 -6.83
O21 N6H I . -17.58 -14.60 -5.19
O9 N6H I . -16.32 -13.22 -7.45
C1 N6H I . -17.92 -11.66 -7.35
N11 N6H I . -17.09 -11.33 -8.35
C14 N6H I . -13.85 -10.30 -9.53
C16 N6H I . -12.84 -9.41 -7.55
CL2 N6H I . -12.68 -9.35 -5.83
C18 N6H I . -12.14 -8.63 -9.71
C19 N6H I . -13.05 -9.49 -10.31
S DMS J . -7.83 -15.94 -23.31
O DMS J . -7.75 -17.22 -22.53
C1 DMS J . -9.54 -15.67 -23.62
C2 DMS J . -7.58 -14.65 -22.13
C1 GOL K . -30.47 -23.77 -32.96
O1 GOL K . -31.60 -22.95 -33.27
C2 GOL K . -29.56 -23.08 -31.95
O2 GOL K . -30.09 -23.27 -30.63
C3 GOL K . -28.14 -23.58 -32.00
O3 GOL K . -28.08 -24.98 -32.29
C1 GOL L . -30.17 -18.61 -21.78
O1 GOL L . -30.56 -17.24 -21.90
C2 GOL L . -30.19 -19.31 -23.12
O2 GOL L . -29.31 -18.64 -24.03
C3 GOL L . -29.83 -20.77 -23.04
O3 GOL L . -28.54 -20.97 -22.48
C1 GOL M . -10.38 -0.09 -23.85
O1 GOL M . -10.50 -1.25 -24.65
C2 GOL M . -9.55 0.98 -24.51
O2 GOL M . -8.86 0.42 -25.64
C3 GOL M . -8.54 1.60 -23.57
O3 GOL M . -7.55 0.65 -23.17
#